data_3QK0
#
_entry.id   3QK0
#
_cell.length_a   144.525
_cell.length_b   67.835
_cell.length_c   107.096
_cell.angle_alpha   90.00
_cell.angle_beta   95.34
_cell.angle_gamma   90.00
#
_symmetry.space_group_name_H-M   'C 1 2 1'
#
loop_
_entity.id
_entity.type
_entity.pdbx_description
1 polymer 'Phosphatidylinositol-4,5-bisphosphate 3-kinase catalytic subunit gamma isoform'
2 non-polymer 'SULFATE ION'
3 non-polymer N-[6-(6-chloro-5-{[(4-fluorophenyl)sulfonyl]amino}pyridin-3-yl)-1,3-benzothiazol-2-yl]acetamide
4 water water
#
_entity_poly.entity_id   1
_entity_poly.type   'polypeptide(L)'
_entity_poly.pdbx_seq_one_letter_code
;GSEESQAFQRQLTALIGYDVTDVSNVHDDELEFTRRGLVTPRMAEVASRDPKLYAMHPWVTSKPLPEYLWKKIANNCIFI
VIHRSTTSQTIKVSPDDTPGAILQSFFTKMAKKKSLMDIPESQSEQDFVLRVCGRDEYLVGETPIKNFQWVRHCLKNGEE
IHVVLDTPPDPALDEVRKEEWPLVDDCTGVTGYHEQLTIHGKDHESVFTVSLWDCDRKFRVKIRGIDIPVLPRNTDLTVF
VEANIQHGQQVLCQRRTSPKPFTEEVLWNVWLEFSIKIKDLPKGALLNLQIYCGKAPALSSKASAESPSSESKGKVQLLY
YVNLLLIDHRFLLRRGEYVLHMWQISGKGEDQGSFNADKLTSATNPDKENSMSISILLDNYCHPIALPKHQPTPDPEGDR
VRAEMPNQLRKQLEAIIATDPLNPLTAEDKELLWHFRYESLKHPKAYPKLFSSVKWGQQEIVAKTYQLLARREVWDQSAL
DVGLTMQLLDCNFSDENVRAIAVQKLESLEDDDVLHYLLQLVQAVKFEPYHDSALARFLLKRGLRNKRIGHFLFWFLRSE
IAQSRHYQQRFAVILEAYLRGCGTAMLHDFTQQVQVIEMLQKVTLDIKSLSAEKYDVSSQVISQLKQKLENLQNSQLPES
FRVPYDPGLKAGALAIEKCKVMASKKKPLWLEFKCADPTALSNETIGIIFKHGDDLRQDMLILQILRIMESIWETESLDL
CLLPYGCISTGDKIGMIEIVKDATTIAKIQQSTVGNTGAFKDEVLNHWLKEKSPTEEKFQAAVERFVYSCAGYCVATFVL
GIGDRHNDNIMITETGNLFHIDFGHILGNYKSFLGINKERVPFVLTPDFLFVMGTSGKKTSPHFQKFQDICVKAYLALRH
HTNLLIILFSMMLMTGMPQLTSKEDIEYIRDALTVGKNEEDAKKYFLDQIEVCRDKGWTVQFNWFLHLVLGIKQGEKHSA
;
_entity_poly.pdbx_strand_id   A
#
loop_
_chem_comp.id
_chem_comp.type
_chem_comp.name
_chem_comp.formula
QK0 non-polymer N-[6-(6-chloro-5-{[(4-fluorophenyl)sulfonyl]amino}pyridin-3-yl)-1,3-benzothiazol-2-yl]acetamide 'C20 H14 Cl F N4 O3 S2'
SO4 non-polymer 'SULFATE ION' 'O4 S -2'
#
# COMPACT_ATOMS: atom_id res chain seq x y z
N SER A 5 -7.29 -33.39 -16.21
CA SER A 5 -6.16 -32.45 -16.53
C SER A 5 -6.48 -31.02 -16.11
N GLN A 6 -7.69 -30.80 -15.61
CA GLN A 6 -8.14 -29.47 -15.17
C GLN A 6 -7.85 -29.23 -13.70
N ALA A 7 -7.12 -30.16 -13.07
CA ALA A 7 -6.65 -30.01 -11.68
C ALA A 7 -5.72 -28.80 -11.53
N PHE A 8 -5.24 -28.31 -12.65
CA PHE A 8 -4.46 -27.07 -12.72
C PHE A 8 -5.33 -25.88 -12.33
N GLN A 9 -6.56 -25.88 -12.83
CA GLN A 9 -7.56 -24.85 -12.52
C GLN A 9 -7.98 -24.96 -11.05
N ARG A 10 -8.14 -26.19 -10.55
CA ARG A 10 -8.46 -26.44 -9.14
C ARG A 10 -7.34 -25.96 -8.22
N GLN A 11 -6.10 -26.02 -8.71
CA GLN A 11 -4.94 -25.54 -7.98
C GLN A 11 -4.98 -24.00 -7.90
N LEU A 12 -5.14 -23.38 -9.07
CA LEU A 12 -5.26 -21.93 -9.18
C LEU A 12 -6.31 -21.40 -8.19
N THR A 13 -7.45 -22.06 -8.12
CA THR A 13 -8.49 -21.70 -7.17
C THR A 13 -7.90 -21.60 -5.76
N ALA A 14 -7.27 -22.68 -5.31
CA ALA A 14 -6.69 -22.75 -3.96
C ALA A 14 -5.52 -21.79 -3.75
N LEU A 15 -4.85 -21.39 -4.83
CA LEU A 15 -3.81 -20.37 -4.74
C LEU A 15 -4.38 -18.96 -4.60
N ILE A 16 -5.55 -18.74 -5.21
CA ILE A 16 -6.23 -17.45 -5.23
C ILE A 16 -7.06 -17.28 -3.95
N GLY A 17 -7.68 -18.39 -3.53
CA GLY A 17 -8.60 -18.39 -2.41
C GLY A 17 -9.97 -17.92 -2.84
N TYR A 18 -10.25 -18.08 -4.14
CA TYR A 18 -11.54 -17.76 -4.77
C TYR A 18 -11.63 -18.41 -6.18
N ASP A 19 -12.80 -18.95 -6.53
CA ASP A 19 -12.98 -19.58 -7.85
C ASP A 19 -13.59 -18.66 -8.91
N VAL A 20 -12.74 -18.26 -9.85
CA VAL A 20 -13.09 -17.42 -10.98
C VAL A 20 -14.17 -18.05 -11.85
N THR A 21 -14.10 -19.36 -12.00
CA THR A 21 -15.00 -20.12 -12.86
C THR A 21 -16.46 -20.06 -12.42
N ASP A 22 -16.66 -19.86 -11.12
CA ASP A 22 -18.00 -19.77 -10.54
C ASP A 22 -18.72 -18.53 -11.04
N VAL A 23 -20.01 -18.67 -11.34
CA VAL A 23 -20.84 -17.58 -11.88
C VAL A 23 -22.21 -17.44 -11.20
N SER A 24 -22.27 -17.83 -9.92
CA SER A 24 -23.47 -17.66 -9.09
C SER A 24 -23.74 -16.20 -8.74
N ASN A 25 -22.71 -15.37 -8.82
CA ASN A 25 -22.84 -13.95 -8.50
C ASN A 25 -22.43 -13.01 -9.64
N VAL A 26 -23.04 -13.22 -10.80
CA VAL A 26 -22.95 -12.28 -11.92
C VAL A 26 -24.35 -12.02 -12.43
N HIS A 27 -24.48 -10.95 -13.22
CA HIS A 27 -25.72 -10.66 -13.92
C HIS A 27 -25.40 -10.30 -15.36
N ASP A 28 -24.14 -10.53 -15.73
CA ASP A 28 -23.66 -10.37 -17.09
C ASP A 28 -22.36 -11.16 -17.22
N ASP A 29 -21.59 -10.90 -18.27
CA ASP A 29 -20.38 -11.67 -18.55
C ASP A 29 -19.10 -10.84 -18.49
N GLU A 30 -19.09 -9.78 -17.68
CA GLU A 30 -17.91 -8.92 -17.61
C GLU A 30 -16.67 -9.67 -17.13
N LEU A 31 -16.78 -10.35 -15.99
CA LEU A 31 -15.64 -11.07 -15.40
C LEU A 31 -15.02 -12.06 -16.37
N GLU A 32 -15.87 -12.84 -17.06
CA GLU A 32 -15.44 -13.85 -18.01
C GLU A 32 -14.77 -13.22 -19.23
N PHE A 33 -15.37 -12.13 -19.72
CA PHE A 33 -14.83 -11.33 -20.82
C PHE A 33 -13.44 -10.80 -20.46
N THR A 34 -13.27 -10.40 -19.21
CA THR A 34 -11.98 -9.90 -18.70
C THR A 34 -10.95 -11.01 -18.49
N ARG A 35 -11.40 -12.22 -18.15
CA ARG A 35 -10.51 -13.36 -18.19
C ARG A 35 -9.99 -13.50 -19.62
N ARG A 36 -10.92 -13.60 -20.57
CA ARG A 36 -10.59 -13.82 -21.97
C ARG A 36 -9.89 -12.61 -22.59
N GLY A 37 -10.08 -11.43 -22.01
CA GLY A 37 -9.43 -10.23 -22.50
C GLY A 37 -7.98 -10.10 -22.08
N LEU A 38 -7.61 -10.80 -21.02
CA LEU A 38 -6.30 -10.64 -20.43
C LEU A 38 -5.32 -11.68 -20.95
N VAL A 39 -5.85 -12.62 -21.75
CA VAL A 39 -5.05 -13.69 -22.32
C VAL A 39 -3.94 -13.13 -23.21
N THR A 40 -4.27 -12.08 -23.95
CA THR A 40 -3.32 -11.45 -24.88
C THR A 40 -2.18 -10.71 -24.18
N PRO A 41 -2.51 -9.73 -23.30
CA PRO A 41 -1.47 -9.07 -22.51
C PRO A 41 -0.60 -10.03 -21.68
N ARG A 42 -1.20 -11.15 -21.25
CA ARG A 42 -0.50 -12.22 -20.53
C ARG A 42 0.54 -12.88 -21.41
N MET A 43 0.15 -13.26 -22.61
CA MET A 43 1.03 -14.00 -23.49
C MET A 43 2.06 -13.11 -24.19
N ALA A 44 1.72 -11.83 -24.33
CA ALA A 44 2.64 -10.86 -24.95
C ALA A 44 3.89 -10.60 -24.09
N GLU A 45 3.68 -10.27 -22.82
CA GLU A 45 4.79 -9.98 -21.91
C GLU A 45 5.59 -11.23 -21.58
N VAL A 46 4.88 -12.36 -21.49
CA VAL A 46 5.53 -13.67 -21.34
C VAL A 46 6.52 -13.86 -22.49
N ALA A 47 6.04 -13.70 -23.71
CA ALA A 47 6.85 -13.99 -24.89
C ALA A 47 8.00 -13.00 -25.06
N SER A 48 7.82 -11.75 -24.64
CA SER A 48 8.83 -10.71 -24.86
C SER A 48 9.94 -10.59 -23.79
N ARG A 49 9.79 -11.25 -22.65
CA ARG A 49 10.77 -11.14 -21.56
C ARG A 49 11.97 -12.07 -21.76
N ASP A 50 13.13 -11.63 -21.30
CA ASP A 50 14.35 -12.46 -21.40
C ASP A 50 14.34 -13.56 -20.34
N PRO A 51 14.49 -14.84 -20.78
CA PRO A 51 14.36 -16.00 -19.89
C PRO A 51 15.29 -15.95 -18.68
N LYS A 52 16.56 -15.63 -18.95
CA LYS A 52 17.63 -15.67 -17.94
C LYS A 52 17.55 -14.50 -16.97
N LEU A 53 17.24 -13.31 -17.49
CA LEU A 53 17.05 -12.13 -16.67
C LEU A 53 15.77 -12.23 -15.83
N TYR A 54 14.77 -12.92 -16.37
CA TYR A 54 13.57 -13.22 -15.62
C TYR A 54 13.86 -14.19 -14.46
N ALA A 55 14.73 -15.16 -14.70
CA ALA A 55 15.10 -16.14 -13.68
C ALA A 55 15.89 -15.52 -12.52
N MET A 56 16.85 -14.66 -12.85
CA MET A 56 17.70 -14.07 -11.83
C MET A 56 17.17 -12.76 -11.27
N HIS A 57 16.24 -12.14 -11.99
CA HIS A 57 15.55 -10.94 -11.50
C HIS A 57 16.49 -9.95 -10.79
N PRO A 58 17.49 -9.41 -11.49
CA PRO A 58 18.38 -8.51 -10.77
C PRO A 58 17.64 -7.27 -10.24
N TRP A 59 17.59 -7.14 -8.92
CA TRP A 59 16.95 -5.99 -8.29
C TRP A 59 17.91 -4.82 -8.32
N VAL A 60 17.67 -3.94 -9.29
CA VAL A 60 18.58 -2.88 -9.63
C VAL A 60 17.86 -1.53 -9.70
N THR A 61 18.59 -0.45 -9.40
CA THR A 61 18.09 0.92 -9.52
C THR A 61 18.91 1.73 -10.54
N SER A 62 18.34 2.84 -11.00
CA SER A 62 19.02 3.71 -11.94
C SER A 62 19.18 5.08 -11.32
N LYS A 63 19.00 5.15 -10.01
CA LYS A 63 19.02 6.42 -9.28
C LYS A 63 20.43 6.80 -8.85
N PRO A 64 20.68 8.11 -8.64
CA PRO A 64 21.94 8.55 -8.03
C PRO A 64 22.17 7.88 -6.69
N LEU A 65 23.41 7.47 -6.45
CA LEU A 65 23.82 7.02 -5.13
C LEU A 65 24.00 8.28 -4.29
N PRO A 66 23.21 8.39 -3.20
CA PRO A 66 23.12 9.63 -2.41
C PRO A 66 24.41 10.03 -1.69
N GLU A 67 24.44 11.26 -1.18
CA GLU A 67 25.62 11.81 -0.48
C GLU A 67 26.02 10.98 0.73
N TYR A 68 25.02 10.38 1.40
CA TYR A 68 25.28 9.64 2.63
C TYR A 68 26.06 8.35 2.40
N LEU A 69 25.86 7.70 1.25
CA LEU A 69 26.56 6.45 0.95
C LEU A 69 27.92 6.64 0.28
N TRP A 70 28.13 7.77 -0.40
CA TRP A 70 29.45 8.08 -0.97
C TRP A 70 30.47 8.30 0.13
N LYS A 71 30.11 9.15 1.09
CA LYS A 71 30.98 9.50 2.21
C LYS A 71 31.23 8.31 3.13
N LYS A 72 30.73 7.14 2.72
CA LYS A 72 30.97 5.87 3.41
C LYS A 72 32.03 5.04 2.66
N ILE A 73 32.11 5.25 1.34
CA ILE A 73 33.02 4.50 0.47
C ILE A 73 34.48 4.90 0.66
N ALA A 74 35.33 3.90 0.93
CA ALA A 74 36.78 4.12 1.11
C ALA A 74 37.47 4.48 -0.20
N ASN A 75 37.26 5.73 -0.64
CA ASN A 75 37.85 6.30 -1.86
C ASN A 75 37.76 5.42 -3.11
N ASN A 76 36.65 5.55 -3.84
CA ASN A 76 36.43 4.86 -5.12
C ASN A 76 36.79 3.37 -5.10
N CYS A 77 36.62 2.73 -3.95
CA CYS A 77 36.97 1.34 -3.78
C CYS A 77 35.94 0.61 -2.93
N ILE A 78 35.55 -0.57 -3.40
CA ILE A 78 34.59 -1.43 -2.71
C ILE A 78 35.07 -2.88 -2.70
N PHE A 79 35.07 -3.46 -1.49
CA PHE A 79 35.53 -4.83 -1.27
C PHE A 79 34.36 -5.81 -1.41
N ILE A 80 34.54 -6.85 -2.21
CA ILE A 80 33.53 -7.89 -2.41
C ILE A 80 34.15 -9.28 -2.22
N VAL A 81 33.74 -9.96 -1.16
CA VAL A 81 34.31 -11.25 -0.79
C VAL A 81 33.60 -12.41 -1.51
N ILE A 82 34.33 -13.09 -2.40
CA ILE A 82 33.77 -14.16 -3.22
C ILE A 82 34.08 -15.54 -2.61
N HIS A 83 33.10 -16.46 -2.72
CA HIS A 83 33.20 -17.79 -2.11
C HIS A 83 33.06 -18.92 -3.13
N ARG A 84 33.89 -19.95 -2.97
CA ARG A 84 33.85 -21.16 -3.81
C ARG A 84 33.20 -22.31 -3.02
N SER A 85 34.02 -23.25 -2.58
CA SER A 85 33.58 -24.32 -1.69
C SER A 85 33.64 -23.77 -0.27
N THR A 86 34.87 -23.59 0.23
CA THR A 86 35.15 -22.78 1.42
C THR A 86 36.43 -21.95 1.17
N THR A 87 36.56 -21.44 -0.05
CA THR A 87 37.68 -20.57 -0.41
C THR A 87 37.21 -19.14 -0.67
N SER A 88 37.05 -18.39 0.43
CA SER A 88 36.72 -16.98 0.37
C SER A 88 37.98 -16.12 0.18
N GLN A 89 37.99 -15.35 -0.90
CA GLN A 89 39.02 -14.34 -1.09
C GLN A 89 38.39 -13.02 -1.55
N THR A 90 38.81 -11.94 -0.91
CA THR A 90 38.29 -10.60 -1.16
C THR A 90 38.90 -9.99 -2.42
N ILE A 91 38.13 -9.12 -3.09
CA ILE A 91 38.56 -8.45 -4.33
C ILE A 91 38.26 -6.95 -4.29
N LYS A 92 39.20 -6.15 -4.78
CA LYS A 92 39.02 -4.70 -4.92
C LYS A 92 38.19 -4.37 -6.17
N VAL A 93 37.16 -3.55 -6.00
CA VAL A 93 36.23 -3.20 -7.07
C VAL A 93 35.93 -1.70 -7.06
N SER A 94 35.74 -1.14 -8.25
CA SER A 94 35.34 0.26 -8.41
C SER A 94 33.82 0.38 -8.63
N PRO A 95 33.16 1.35 -7.98
CA PRO A 95 31.70 1.54 -8.07
C PRO A 95 31.10 1.27 -9.45
N ASP A 96 31.86 1.57 -10.50
CA ASP A 96 31.37 1.44 -11.87
C ASP A 96 31.52 0.03 -12.47
N ASP A 97 32.29 -0.82 -11.82
CA ASP A 97 32.57 -2.17 -12.36
C ASP A 97 31.32 -3.04 -12.53
N THR A 98 31.20 -3.63 -13.71
CA THR A 98 30.08 -4.48 -14.07
C THR A 98 30.19 -5.85 -13.40
N PRO A 99 29.05 -6.52 -13.15
CA PRO A 99 29.10 -7.95 -12.83
C PRO A 99 29.98 -8.73 -13.81
N GLY A 100 29.92 -8.36 -15.08
CA GLY A 100 30.80 -8.93 -16.11
C GLY A 100 32.26 -8.57 -15.90
N ALA A 101 32.51 -7.32 -15.53
CA ALA A 101 33.86 -6.80 -15.26
C ALA A 101 34.55 -7.45 -14.05
N ILE A 102 33.78 -8.11 -13.18
CA ILE A 102 34.33 -8.81 -12.03
C ILE A 102 34.40 -10.32 -12.26
N LEU A 103 33.72 -10.80 -13.31
CA LEU A 103 33.78 -12.21 -13.69
C LEU A 103 35.04 -12.53 -14.48
N GLN A 104 35.52 -11.55 -15.25
CA GLN A 104 36.83 -11.65 -15.90
C GLN A 104 37.89 -10.85 -15.12
N SER A 105 37.58 -10.55 -13.87
CA SER A 105 38.51 -9.85 -12.97
C SER A 105 39.59 -10.81 -12.48
N PHE A 106 39.20 -12.03 -12.10
CA PHE A 106 40.17 -13.04 -11.65
C PHE A 106 40.76 -13.84 -12.81
N ASP A 127 30.42 -20.35 -17.88
CA ASP A 127 29.48 -19.31 -17.46
C ASP A 127 29.06 -19.47 -16.00
N PHE A 128 29.66 -18.64 -15.15
CA PHE A 128 29.33 -18.61 -13.73
C PHE A 128 28.67 -17.29 -13.36
N VAL A 129 27.69 -17.38 -12.46
CA VAL A 129 26.91 -16.23 -12.05
C VAL A 129 27.02 -16.03 -10.53
N LEU A 130 27.00 -14.78 -10.10
CA LEU A 130 27.16 -14.45 -8.69
C LEU A 130 25.81 -14.46 -7.96
N ARG A 131 25.76 -15.10 -6.80
CA ARG A 131 24.56 -15.12 -5.98
C ARG A 131 24.91 -14.74 -4.56
N VAL A 132 24.13 -13.83 -3.99
CA VAL A 132 24.33 -13.41 -2.61
C VAL A 132 24.22 -14.60 -1.65
N CYS A 133 25.15 -14.66 -0.70
CA CYS A 133 25.13 -15.71 0.31
C CYS A 133 23.88 -15.58 1.19
N GLY A 134 23.13 -16.68 1.28
CA GLY A 134 21.93 -16.76 2.12
C GLY A 134 20.64 -16.50 1.37
N ARG A 135 20.70 -15.55 0.45
CA ARG A 135 19.53 -15.05 -0.26
C ARG A 135 19.35 -15.69 -1.63
N ASP A 136 18.18 -15.45 -2.21
CA ASP A 136 17.87 -15.89 -3.57
C ASP A 136 17.98 -14.67 -4.48
N GLU A 137 19.06 -13.91 -4.31
CA GLU A 137 19.32 -12.67 -5.04
C GLU A 137 20.55 -12.84 -5.93
N TYR A 138 20.59 -12.11 -7.04
CA TYR A 138 21.70 -12.23 -8.00
C TYR A 138 22.33 -10.90 -8.37
N LEU A 139 23.64 -10.90 -8.51
CA LEU A 139 24.38 -9.71 -8.93
C LEU A 139 24.84 -9.85 -10.39
N VAL A 140 23.89 -9.67 -11.32
CA VAL A 140 24.17 -9.78 -12.76
C VAL A 140 23.48 -8.72 -13.63
N GLY A 141 24.02 -8.55 -14.84
CA GLY A 141 23.44 -7.65 -15.84
C GLY A 141 24.24 -6.37 -16.07
N GLU A 142 23.93 -5.68 -17.17
CA GLU A 142 24.65 -4.47 -17.53
C GLU A 142 24.22 -3.23 -16.76
N THR A 143 24.58 -3.23 -15.48
CA THR A 143 24.52 -2.05 -14.61
C THR A 143 25.74 -2.13 -13.69
N PRO A 144 26.29 -0.96 -13.27
CA PRO A 144 27.37 -0.99 -12.29
C PRO A 144 26.91 -1.54 -10.93
N ILE A 145 27.85 -2.03 -10.13
CA ILE A 145 27.48 -2.63 -8.83
C ILE A 145 26.95 -1.61 -7.81
N LYS A 146 27.25 -0.33 -8.04
CA LYS A 146 26.66 0.74 -7.25
C LYS A 146 25.15 0.87 -7.50
N ASN A 147 24.68 0.23 -8.57
CA ASN A 147 23.27 0.30 -8.96
C ASN A 147 22.42 -0.85 -8.44
N PHE A 148 23.05 -1.84 -7.81
CA PHE A 148 22.33 -2.96 -7.20
C PHE A 148 21.85 -2.57 -5.80
N GLN A 149 20.63 -2.98 -5.45
CA GLN A 149 20.03 -2.58 -4.17
C GLN A 149 20.74 -3.22 -2.99
N TRP A 150 21.13 -4.48 -3.16
CA TRP A 150 21.80 -5.24 -2.10
C TRP A 150 23.06 -4.54 -1.63
N VAL A 151 23.82 -4.01 -2.59
CA VAL A 151 25.04 -3.28 -2.30
C VAL A 151 24.74 -2.03 -1.50
N ARG A 152 23.75 -1.25 -1.95
CA ARG A 152 23.36 -0.02 -1.29
C ARG A 152 22.89 -0.27 0.14
N HIS A 153 22.33 -1.47 0.37
CA HIS A 153 21.85 -1.87 1.70
C HIS A 153 22.99 -2.25 2.64
N CYS A 154 24.00 -2.92 2.11
CA CYS A 154 25.20 -3.27 2.87
C CYS A 154 25.89 -2.03 3.41
N LEU A 155 26.14 -1.06 2.53
CA LEU A 155 26.73 0.22 2.89
C LEU A 155 25.88 1.01 3.90
N LYS A 156 24.56 0.96 3.72
CA LYS A 156 23.61 1.63 4.61
C LYS A 156 23.85 1.20 6.06
N ASN A 157 23.87 -0.12 6.26
CA ASN A 157 24.15 -0.70 7.57
C ASN A 157 25.64 -0.91 7.82
N GLY A 158 26.46 -0.62 6.82
CA GLY A 158 27.92 -0.79 6.90
C GLY A 158 28.33 -2.25 7.01
N GLU A 159 28.11 -3.00 5.92
CA GLU A 159 28.39 -4.44 5.91
C GLU A 159 29.08 -4.92 4.62
N GLU A 160 29.60 -6.14 4.68
CA GLU A 160 30.43 -6.70 3.60
C GLU A 160 29.64 -7.59 2.65
N ILE A 161 29.92 -7.45 1.35
CA ILE A 161 29.12 -8.05 0.28
C ILE A 161 29.56 -9.46 -0.09
N HIS A 162 29.21 -10.43 0.75
CA HIS A 162 29.55 -11.82 0.51
C HIS A 162 28.67 -12.42 -0.58
N VAL A 163 29.28 -13.23 -1.45
CA VAL A 163 28.63 -13.70 -2.65
C VAL A 163 29.27 -15.00 -3.16
N VAL A 164 28.44 -15.98 -3.55
CA VAL A 164 28.96 -17.27 -4.04
C VAL A 164 29.09 -17.28 -5.57
N LEU A 165 30.10 -18.00 -6.06
CA LEU A 165 30.22 -18.27 -7.50
C LEU A 165 29.32 -19.46 -7.84
N ASP A 166 28.18 -19.16 -8.46
CA ASP A 166 27.13 -20.15 -8.68
C ASP A 166 26.85 -20.43 -10.17
N THR A 167 26.04 -21.45 -10.42
CA THR A 167 25.52 -21.75 -11.76
C THR A 167 24.24 -20.94 -11.96
N PRO A 168 24.09 -20.29 -13.13
CA PRO A 168 22.82 -19.61 -13.43
C PRO A 168 21.64 -20.58 -13.38
N PRO A 169 20.52 -20.17 -12.74
CA PRO A 169 19.32 -21.00 -12.70
C PRO A 169 18.67 -21.18 -14.07
N ASP A 170 18.15 -22.39 -14.30
CA ASP A 170 17.60 -22.80 -15.59
C ASP A 170 16.23 -22.16 -15.87
N PRO A 171 16.12 -21.40 -16.99
CA PRO A 171 14.86 -20.85 -17.50
C PRO A 171 13.75 -21.88 -17.73
N ALA A 172 14.12 -23.16 -17.87
CA ALA A 172 13.13 -24.24 -18.04
C ALA A 172 12.19 -24.31 -16.83
N LEU A 173 12.71 -23.94 -15.66
CA LEU A 173 11.93 -23.96 -14.43
C LEU A 173 10.87 -22.86 -14.42
N ASP A 174 11.09 -21.82 -15.24
CA ASP A 174 10.17 -20.69 -15.39
C ASP A 174 9.09 -20.90 -16.45
N GLU A 175 9.20 -21.99 -17.19
CA GLU A 175 8.34 -22.25 -18.35
C GLU A 175 6.85 -22.20 -18.01
N VAL A 176 6.05 -21.80 -19.00
CA VAL A 176 4.61 -21.62 -18.83
C VAL A 176 3.82 -22.73 -19.51
N ARG A 177 2.65 -23.06 -18.96
CA ARG A 177 1.83 -24.21 -19.35
C ARG A 177 1.21 -24.16 -20.76
N LYS A 178 1.17 -22.97 -21.37
CA LYS A 178 0.54 -22.74 -22.69
C LYS A 178 -0.96 -23.00 -22.68
N CYS A 215 -29.95 8.75 -30.25
CA CYS A 215 -31.24 8.56 -29.57
C CYS A 215 -31.49 9.70 -28.58
N ASP A 216 -32.66 10.33 -28.68
CA ASP A 216 -32.95 11.58 -27.97
C ASP A 216 -33.93 11.46 -26.80
N ARG A 217 -34.31 10.23 -26.44
CA ARG A 217 -35.17 10.00 -25.28
C ARG A 217 -34.43 10.31 -23.99
N LYS A 218 -35.18 10.68 -22.95
CA LYS A 218 -34.63 10.79 -21.61
C LYS A 218 -34.47 9.38 -21.06
N PHE A 219 -33.42 9.19 -20.26
CA PHE A 219 -33.20 7.92 -19.57
C PHE A 219 -34.29 7.68 -18.52
N ARG A 220 -34.67 6.42 -18.36
CA ARG A 220 -35.60 6.02 -17.31
C ARG A 220 -35.39 4.57 -16.87
N VAL A 221 -35.49 4.36 -15.56
CA VAL A 221 -35.39 3.02 -15.00
C VAL A 221 -36.61 2.78 -14.12
N LYS A 222 -37.25 1.64 -14.35
CA LYS A 222 -38.40 1.20 -13.55
C LYS A 222 -37.93 0.51 -12.28
N ILE A 223 -38.40 1.00 -11.14
CA ILE A 223 -38.17 0.37 -9.85
C ILE A 223 -39.35 -0.56 -9.55
N ARG A 224 -39.14 -1.87 -9.65
CA ARG A 224 -40.21 -2.83 -9.35
C ARG A 224 -40.47 -2.91 -7.84
N GLY A 225 -39.39 -3.01 -7.08
CA GLY A 225 -39.50 -3.00 -5.63
C GLY A 225 -38.27 -3.55 -4.93
N ILE A 226 -38.36 -3.62 -3.61
CA ILE A 226 -37.29 -4.19 -2.80
C ILE A 226 -37.76 -5.42 -2.05
N ASP A 227 -36.83 -6.34 -1.79
CA ASP A 227 -37.14 -7.58 -1.09
C ASP A 227 -36.02 -7.95 -0.13
N ILE A 228 -36.39 -8.22 1.12
CA ILE A 228 -35.45 -8.71 2.13
C ILE A 228 -36.05 -9.93 2.84
N PRO A 229 -35.30 -11.05 2.88
CA PRO A 229 -35.78 -12.27 3.54
C PRO A 229 -36.24 -12.09 4.99
N VAL A 230 -35.44 -11.38 5.79
CA VAL A 230 -35.83 -11.05 7.18
C VAL A 230 -35.82 -9.53 7.39
N LEU A 231 -35.50 -9.07 8.59
CA LEU A 231 -35.48 -7.64 8.92
C LEU A 231 -34.55 -7.34 10.09
N LEU A 237 -39.10 2.97 10.06
CA LEU A 237 -39.99 1.97 9.48
C LEU A 237 -40.74 2.48 8.24
N THR A 238 -40.17 3.48 7.57
CA THR A 238 -40.61 3.92 6.23
C THR A 238 -39.39 4.06 5.30
N VAL A 239 -39.53 3.61 4.06
CA VAL A 239 -38.39 3.41 3.16
C VAL A 239 -38.59 3.97 1.75
N PHE A 240 -37.54 4.60 1.21
CA PHE A 240 -37.53 5.05 -0.18
C PHE A 240 -36.20 4.76 -0.91
N VAL A 241 -36.33 4.44 -2.18
CA VAL A 241 -35.24 4.13 -3.07
C VAL A 241 -34.75 5.43 -3.70
N GLU A 242 -33.43 5.55 -3.85
CA GLU A 242 -32.83 6.70 -4.54
C GLU A 242 -31.94 6.26 -5.70
N ALA A 243 -32.25 6.78 -6.89
CA ALA A 243 -31.52 6.41 -8.09
C ALA A 243 -30.66 7.56 -8.61
N ASN A 244 -29.35 7.38 -8.60
CA ASN A 244 -28.41 8.40 -9.11
C ASN A 244 -27.70 7.93 -10.36
N ILE A 245 -27.71 8.76 -11.40
CA ILE A 245 -26.77 8.57 -12.50
C ILE A 245 -25.44 9.17 -12.05
N GLN A 246 -24.41 8.33 -11.98
CA GLN A 246 -23.13 8.73 -11.41
C GLN A 246 -21.97 8.71 -12.39
N HIS A 247 -20.96 9.51 -12.10
CA HIS A 247 -19.75 9.55 -12.88
C HIS A 247 -18.62 10.13 -12.05
N GLY A 248 -17.64 9.29 -11.73
CA GLY A 248 -16.49 9.66 -10.92
C GLY A 248 -16.82 10.44 -9.66
N GLN A 249 -17.76 9.93 -8.86
CA GLN A 249 -18.22 10.55 -7.60
C GLN A 249 -19.17 11.75 -7.82
N GLN A 250 -19.09 12.37 -8.98
CA GLN A 250 -20.02 13.42 -9.37
C GLN A 250 -21.38 12.76 -9.64
N VAL A 251 -22.43 13.27 -9.00
CA VAL A 251 -23.79 12.79 -9.31
C VAL A 251 -24.45 13.73 -10.33
N LEU A 252 -24.80 13.17 -11.48
CA LEU A 252 -25.28 13.97 -12.62
C LEU A 252 -26.77 14.25 -12.60
N CYS A 253 -27.56 13.28 -12.17
CA CYS A 253 -29.00 13.44 -12.09
C CYS A 253 -29.51 12.51 -11.01
N GLN A 254 -30.54 12.94 -10.28
CA GLN A 254 -31.06 12.19 -9.15
C GLN A 254 -32.59 12.16 -9.11
N ARG A 255 -33.14 10.96 -8.90
CA ARG A 255 -34.58 10.76 -8.76
C ARG A 255 -34.91 9.87 -7.56
N ARG A 256 -36.01 10.19 -6.88
CA ARG A 256 -36.49 9.41 -5.74
C ARG A 256 -37.87 8.77 -5.97
N THR A 257 -38.14 7.67 -5.27
CA THR A 257 -39.48 7.12 -5.19
C THR A 257 -40.27 7.78 -4.05
N SER A 258 -41.56 7.49 -4.00
CA SER A 258 -42.40 7.86 -2.86
C SER A 258 -42.01 6.95 -1.71
N PRO A 259 -42.04 7.49 -0.47
CA PRO A 259 -41.67 6.63 0.66
C PRO A 259 -42.85 5.76 1.12
N LYS A 260 -42.70 4.44 1.00
CA LYS A 260 -43.71 3.47 1.45
C LYS A 260 -43.38 2.99 2.87
N PRO A 261 -44.26 2.17 3.49
CA PRO A 261 -43.91 1.53 4.75
C PRO A 261 -42.88 0.40 4.59
N PHE A 262 -41.90 0.34 5.49
CA PHE A 262 -40.83 -0.67 5.42
C PHE A 262 -41.26 -2.03 5.96
N THR A 263 -41.45 -2.97 5.03
CA THR A 263 -41.75 -4.37 5.34
C THR A 263 -40.92 -5.27 4.45
N GLU A 264 -40.83 -6.56 4.80
CA GLU A 264 -39.99 -7.54 4.11
C GLU A 264 -40.11 -7.55 2.57
N GLU A 265 -41.12 -6.88 2.04
CA GLU A 265 -41.27 -6.70 0.61
C GLU A 265 -42.03 -5.43 0.30
N VAL A 266 -41.43 -4.55 -0.50
CA VAL A 266 -42.09 -3.29 -0.90
C VAL A 266 -42.08 -3.14 -2.42
N LEU A 267 -43.28 -3.06 -3.00
CA LEU A 267 -43.43 -2.86 -4.44
C LEU A 267 -43.79 -1.42 -4.79
N TRP A 268 -43.33 -0.94 -5.93
CA TRP A 268 -43.55 0.44 -6.38
C TRP A 268 -44.12 0.47 -7.80
N ASN A 269 -43.63 -0.44 -8.65
CA ASN A 269 -43.93 -0.48 -10.09
C ASN A 269 -43.84 0.89 -10.78
N VAL A 270 -42.80 1.65 -10.44
CA VAL A 270 -42.67 3.06 -10.85
C VAL A 270 -41.58 3.26 -11.92
N TRP A 271 -41.93 4.01 -12.97
CA TRP A 271 -40.94 4.55 -13.90
C TRP A 271 -40.34 5.84 -13.34
N LEU A 272 -39.03 5.83 -13.09
CA LEU A 272 -38.31 7.03 -12.67
C LEU A 272 -37.72 7.73 -13.89
N GLU A 273 -38.35 8.85 -14.27
CA GLU A 273 -37.89 9.63 -15.42
C GLU A 273 -36.75 10.55 -15.04
N PHE A 274 -35.59 10.33 -15.65
CA PHE A 274 -34.44 11.20 -15.48
C PHE A 274 -34.44 12.29 -16.54
N SER A 275 -33.75 13.40 -16.27
CA SER A 275 -33.69 14.51 -17.22
C SER A 275 -32.56 14.37 -18.24
N ILE A 276 -31.56 13.56 -17.91
CA ILE A 276 -30.48 13.24 -18.84
C ILE A 276 -30.96 12.35 -20.01
N LYS A 277 -30.37 12.57 -21.19
CA LYS A 277 -30.69 11.80 -22.39
C LYS A 277 -29.77 10.58 -22.54
N ILE A 278 -30.24 9.58 -23.28
CA ILE A 278 -29.48 8.34 -23.53
C ILE A 278 -28.13 8.60 -24.21
N LYS A 279 -28.12 9.47 -25.22
CA LYS A 279 -26.90 9.86 -25.92
C LYS A 279 -25.86 10.55 -25.02
N ASP A 280 -26.36 11.28 -24.02
CA ASP A 280 -25.52 12.07 -23.12
C ASP A 280 -24.86 11.22 -22.03
N LEU A 281 -25.26 9.96 -21.93
CA LEU A 281 -24.60 9.03 -21.01
C LEU A 281 -23.15 8.77 -21.45
N PRO A 282 -22.19 8.91 -20.52
CA PRO A 282 -20.80 8.59 -20.77
C PRO A 282 -20.46 7.16 -20.36
N LYS A 283 -19.55 6.53 -21.08
CA LYS A 283 -19.14 5.18 -20.72
C LYS A 283 -18.51 5.26 -19.36
N GLY A 284 -18.88 4.33 -18.48
CA GLY A 284 -18.39 4.33 -17.11
C GLY A 284 -19.34 5.01 -16.12
N ALA A 285 -20.48 5.49 -16.61
CA ALA A 285 -21.52 6.01 -15.72
C ALA A 285 -22.23 4.86 -14.99
N LEU A 286 -22.37 5.01 -13.68
CA LEU A 286 -23.07 4.04 -12.84
C LEU A 286 -24.47 4.50 -12.49
N LEU A 287 -25.45 3.61 -12.65
CA LEU A 287 -26.71 3.75 -11.93
C LEU A 287 -26.45 3.26 -10.50
N ASN A 288 -26.51 4.20 -9.56
CA ASN A 288 -26.28 3.91 -8.15
C ASN A 288 -27.61 3.89 -7.41
N LEU A 289 -28.05 2.70 -7.02
CA LEU A 289 -29.34 2.53 -6.36
C LEU A 289 -29.16 2.44 -4.84
N GLN A 290 -29.83 3.34 -4.13
CA GLN A 290 -29.64 3.47 -2.68
C GLN A 290 -30.97 3.42 -1.93
N ILE A 291 -30.92 2.89 -0.70
CA ILE A 291 -32.11 2.78 0.12
C ILE A 291 -31.95 3.56 1.42
N TYR A 292 -32.87 4.52 1.60
CA TYR A 292 -32.95 5.32 2.81
C TYR A 292 -34.25 5.02 3.53
N CYS A 293 -34.26 5.27 4.84
CA CYS A 293 -35.45 5.10 5.65
C CYS A 293 -35.57 6.27 6.62
N GLY A 294 -36.76 6.43 7.22
CA GLY A 294 -37.02 7.51 8.16
C GLY A 294 -38.29 7.31 8.96
N LYS A 315 -33.68 12.93 9.59
CA LYS A 315 -33.84 11.62 10.23
C LYS A 315 -33.51 10.47 9.26
N VAL A 316 -33.32 10.82 7.98
CA VAL A 316 -32.98 9.86 6.93
C VAL A 316 -31.63 9.19 7.13
N GLN A 317 -31.52 7.91 6.75
CA GLN A 317 -30.26 7.19 6.81
C GLN A 317 -30.11 6.17 5.69
N LEU A 318 -28.95 6.20 5.03
CA LEU A 318 -28.58 5.23 4.01
C LEU A 318 -28.34 3.87 4.67
N LEU A 319 -29.09 2.86 4.20
CA LEU A 319 -29.03 1.52 4.77
C LEU A 319 -28.50 0.47 3.81
N TYR A 320 -28.64 0.72 2.51
CA TYR A 320 -28.24 -0.23 1.48
C TYR A 320 -27.88 0.49 0.19
N TYR A 321 -26.88 -0.05 -0.52
CA TYR A 321 -26.47 0.50 -1.80
C TYR A 321 -26.08 -0.60 -2.77
N VAL A 322 -26.20 -0.29 -4.06
CA VAL A 322 -25.78 -1.18 -5.12
C VAL A 322 -25.61 -0.39 -6.42
N ASN A 323 -24.75 -0.88 -7.31
CA ASN A 323 -24.41 -0.15 -8.53
C ASN A 323 -24.55 -1.02 -9.76
N LEU A 324 -24.80 -0.36 -10.89
CA LEU A 324 -24.92 -1.05 -12.15
C LEU A 324 -24.44 -0.14 -13.26
N LEU A 325 -23.36 -0.56 -13.92
CA LEU A 325 -22.84 0.19 -15.06
C LEU A 325 -23.93 0.35 -16.10
N LEU A 326 -24.14 1.58 -16.56
CA LEU A 326 -25.19 1.85 -17.51
C LEU A 326 -24.73 1.51 -18.90
N ILE A 327 -23.51 1.88 -19.25
CA ILE A 327 -22.89 1.40 -20.49
C ILE A 327 -21.97 0.22 -20.16
N ASP A 328 -22.16 -0.90 -20.86
CA ASP A 328 -21.46 -2.13 -20.52
C ASP A 328 -20.08 -2.27 -21.18
N HIS A 329 -19.36 -3.34 -20.87
CA HIS A 329 -18.00 -3.58 -21.39
C HIS A 329 -17.93 -3.78 -22.91
N ARG A 330 -19.09 -3.88 -23.55
CA ARG A 330 -19.17 -3.94 -25.02
C ARG A 330 -19.65 -2.62 -25.62
N PHE A 331 -19.43 -1.52 -24.90
CA PHE A 331 -19.95 -0.19 -25.24
C PHE A 331 -21.46 -0.18 -25.56
N LEU A 332 -22.19 -1.15 -24.99
CA LEU A 332 -23.64 -1.27 -25.23
C LEU A 332 -24.45 -0.75 -24.06
N LEU A 333 -25.57 -0.10 -24.37
CA LEU A 333 -26.51 0.35 -23.35
C LEU A 333 -27.18 -0.83 -22.67
N ARG A 334 -27.29 -0.74 -21.34
CA ARG A 334 -27.84 -1.82 -20.52
C ARG A 334 -29.33 -1.96 -20.75
N ARG A 335 -29.82 -3.20 -20.74
CA ARG A 335 -31.23 -3.48 -21.01
C ARG A 335 -31.74 -4.71 -20.25
N GLY A 336 -32.97 -4.63 -19.76
CA GLY A 336 -33.66 -5.81 -19.22
C GLY A 336 -33.95 -5.83 -17.74
N GLU A 337 -34.26 -7.02 -17.24
CA GLU A 337 -34.65 -7.23 -15.85
C GLU A 337 -33.45 -7.49 -14.94
N TYR A 338 -33.43 -6.84 -13.77
CA TYR A 338 -32.36 -7.05 -12.82
C TYR A 338 -32.86 -7.27 -11.41
N VAL A 339 -32.41 -8.38 -10.82
CA VAL A 339 -32.55 -8.58 -9.38
C VAL A 339 -31.14 -8.48 -8.78
N LEU A 340 -30.85 -7.34 -8.16
CA LEU A 340 -29.53 -7.01 -7.62
C LEU A 340 -29.47 -7.05 -6.10
N HIS A 341 -28.66 -7.96 -5.57
CA HIS A 341 -28.45 -8.08 -4.13
C HIS A 341 -27.47 -7.04 -3.61
N MET A 342 -27.86 -6.38 -2.52
CA MET A 342 -27.24 -5.13 -2.10
C MET A 342 -26.35 -5.25 -0.87
N TRP A 343 -25.37 -4.35 -0.82
CA TRP A 343 -24.48 -4.19 0.34
C TRP A 343 -25.14 -3.33 1.38
N GLN A 344 -24.86 -3.64 2.64
CA GLN A 344 -25.39 -2.89 3.77
C GLN A 344 -24.44 -1.76 4.19
N ILE A 345 -24.66 -1.21 5.37
CA ILE A 345 -23.80 -0.19 5.95
C ILE A 345 -23.54 -0.55 7.40
N SER A 346 -22.28 -0.35 7.85
CA SER A 346 -21.92 -0.52 9.27
C SER A 346 -22.62 0.52 10.15
N SER A 354 -19.71 10.73 2.75
CA SER A 354 -18.32 10.36 3.01
C SER A 354 -17.85 9.25 2.06
N PHE A 355 -16.66 9.43 1.51
CA PHE A 355 -16.11 8.56 0.47
C PHE A 355 -15.51 7.29 1.06
N ASN A 356 -15.77 6.18 0.38
CA ASN A 356 -15.27 4.86 0.71
C ASN A 356 -15.23 4.11 -0.61
N ALA A 357 -14.13 3.41 -0.86
CA ALA A 357 -13.90 2.75 -2.14
C ALA A 357 -14.87 1.63 -2.41
N ASP A 358 -15.38 1.00 -1.35
CA ASP A 358 -16.36 -0.06 -1.50
C ASP A 358 -17.70 0.44 -2.06
N LYS A 359 -17.99 1.71 -1.85
CA LYS A 359 -19.26 2.28 -2.29
C LYS A 359 -19.36 2.41 -3.80
N LEU A 360 -18.25 2.17 -4.48
CA LEU A 360 -18.17 2.37 -5.93
C LEU A 360 -18.30 1.12 -6.77
N THR A 361 -18.37 -0.04 -6.10
CA THR A 361 -18.18 -1.34 -6.78
C THR A 361 -19.35 -1.82 -7.62
N SER A 362 -19.03 -2.44 -8.74
CA SER A 362 -20.05 -3.02 -9.61
C SER A 362 -20.42 -4.44 -9.16
N ALA A 363 -19.75 -4.92 -8.12
CA ALA A 363 -20.07 -6.21 -7.57
C ALA A 363 -21.41 -6.18 -6.82
N THR A 364 -22.18 -7.25 -6.96
CA THR A 364 -23.39 -7.43 -6.16
C THR A 364 -23.08 -8.36 -4.98
N ASN A 365 -23.83 -8.18 -3.90
CA ASN A 365 -23.66 -9.00 -2.70
C ASN A 365 -23.84 -10.51 -3.02
N PRO A 366 -22.81 -11.33 -2.71
CA PRO A 366 -22.89 -12.79 -2.90
C PRO A 366 -23.87 -13.49 -1.95
N ASP A 367 -24.15 -12.87 -0.81
CA ASP A 367 -25.06 -13.42 0.21
C ASP A 367 -26.54 -13.23 -0.15
N LYS A 368 -27.05 -14.11 -1.03
CA LYS A 368 -28.46 -14.08 -1.46
C LYS A 368 -29.46 -14.19 -0.31
N GLU A 369 -29.15 -15.07 0.65
CA GLU A 369 -30.06 -15.46 1.72
C GLU A 369 -30.29 -14.40 2.80
N ASN A 370 -29.36 -13.46 2.95
CA ASN A 370 -29.46 -12.45 4.00
C ASN A 370 -29.58 -11.01 3.52
N SER A 371 -29.14 -10.77 2.29
CA SER A 371 -29.06 -9.40 1.77
C SER A 371 -30.35 -8.91 1.11
N MET A 372 -30.56 -7.60 1.20
CA MET A 372 -31.64 -6.90 0.53
C MET A 372 -31.43 -6.93 -0.99
N SER A 373 -32.50 -7.17 -1.74
CA SER A 373 -32.40 -7.13 -3.19
C SER A 373 -33.31 -6.04 -3.75
N ILE A 374 -33.02 -5.61 -4.97
CA ILE A 374 -33.82 -4.61 -5.63
C ILE A 374 -34.19 -5.14 -7.02
N SER A 375 -35.41 -4.86 -7.46
CA SER A 375 -35.87 -5.33 -8.77
C SER A 375 -36.16 -4.14 -9.69
N ILE A 376 -35.54 -4.16 -10.86
CA ILE A 376 -35.55 -3.00 -11.75
C ILE A 376 -35.73 -3.41 -13.22
N LEU A 377 -36.08 -2.44 -14.05
CA LEU A 377 -36.30 -2.71 -15.48
C LEU A 377 -35.76 -1.61 -16.40
N LEU A 378 -34.89 -2.04 -17.32
CA LEU A 378 -34.33 -1.17 -18.34
C LEU A 378 -34.80 -1.58 -19.74
N ASP A 379 -35.52 -0.69 -20.40
CA ASP A 379 -36.04 -0.94 -21.75
C ASP A 379 -35.34 -0.07 -22.81
N ASN A 380 -35.45 1.24 -22.64
CA ASN A 380 -34.67 2.25 -23.39
C ASN A 380 -34.30 1.88 -24.82
N ALA A 403 -7.91 36.55 -30.48
CA ALA A 403 -7.81 36.77 -29.04
C ALA A 403 -6.91 35.73 -28.36
N GLU A 404 -6.17 36.18 -27.35
CA GLU A 404 -5.43 35.33 -26.39
C GLU A 404 -5.39 36.01 -25.03
N MET A 405 -5.65 35.22 -23.98
CA MET A 405 -6.14 35.72 -22.69
C MET A 405 -5.41 36.92 -22.05
N PRO A 406 -6.17 37.82 -21.38
CA PRO A 406 -5.63 38.99 -20.70
C PRO A 406 -4.81 38.63 -19.48
N ASN A 407 -4.28 39.64 -18.79
CA ASN A 407 -3.34 39.43 -17.71
C ASN A 407 -4.01 38.92 -16.43
N GLN A 408 -4.97 39.68 -15.92
CA GLN A 408 -5.65 39.36 -14.65
C GLN A 408 -6.20 37.94 -14.60
N LEU A 409 -6.60 37.41 -15.75
CA LEU A 409 -7.19 36.08 -15.83
C LEU A 409 -6.16 34.96 -15.81
N ARG A 410 -5.04 35.19 -16.50
CA ARG A 410 -3.90 34.26 -16.48
C ARG A 410 -3.48 33.99 -15.05
N LYS A 411 -3.43 35.05 -14.25
CA LYS A 411 -3.10 34.92 -12.84
C LYS A 411 -4.14 34.10 -12.10
N GLN A 412 -5.42 34.38 -12.32
CA GLN A 412 -6.50 33.60 -11.73
C GLN A 412 -6.37 32.13 -12.08
N LEU A 413 -6.13 31.85 -13.37
CA LEU A 413 -5.95 30.49 -13.87
C LEU A 413 -4.76 29.79 -13.22
N GLU A 414 -3.65 30.53 -13.08
CA GLU A 414 -2.40 30.00 -12.50
C GLU A 414 -2.47 29.77 -11.00
N ALA A 415 -3.24 30.60 -10.30
CA ALA A 415 -3.50 30.42 -8.86
C ALA A 415 -4.33 29.16 -8.63
N ILE A 416 -5.32 28.95 -9.50
CA ILE A 416 -6.13 27.75 -9.51
C ILE A 416 -5.25 26.51 -9.73
N ILE A 417 -4.40 26.56 -10.75
CA ILE A 417 -3.50 25.45 -11.05
C ILE A 417 -2.55 25.18 -9.90
N ALA A 418 -2.21 26.22 -9.15
CA ALA A 418 -1.23 26.14 -8.07
C ALA A 418 -1.75 25.38 -6.84
N THR A 419 -3.05 25.51 -6.56
CA THR A 419 -3.68 24.92 -5.36
C THR A 419 -3.47 23.41 -5.24
N ASP A 420 -3.51 22.92 -4.00
CA ASP A 420 -3.36 21.47 -3.74
C ASP A 420 -4.51 20.65 -4.32
N PRO A 421 -4.28 19.33 -4.54
CA PRO A 421 -5.28 18.45 -5.11
C PRO A 421 -6.59 18.40 -4.32
N LEU A 422 -6.55 18.78 -3.05
CA LEU A 422 -7.73 18.71 -2.19
C LEU A 422 -8.53 20.01 -2.11
N ASN A 423 -8.00 21.10 -2.66
CA ASN A 423 -8.73 22.36 -2.68
C ASN A 423 -9.90 22.27 -3.66
N PRO A 424 -11.14 22.47 -3.15
CA PRO A 424 -12.32 22.37 -4.01
C PRO A 424 -12.38 23.49 -5.04
N LEU A 425 -12.72 23.13 -6.28
CA LEU A 425 -12.93 24.11 -7.34
C LEU A 425 -14.37 24.58 -7.27
N THR A 426 -14.57 25.87 -7.49
CA THR A 426 -15.90 26.46 -7.57
C THR A 426 -16.35 26.48 -9.02
N ALA A 427 -17.64 26.71 -9.24
CA ALA A 427 -18.20 26.84 -10.58
C ALA A 427 -17.41 27.87 -11.39
N GLU A 428 -17.05 28.96 -10.73
CA GLU A 428 -16.26 30.02 -11.34
C GLU A 428 -14.91 29.47 -11.84
N ASP A 429 -14.24 28.68 -10.99
CA ASP A 429 -12.94 28.07 -11.32
C ASP A 429 -13.05 27.13 -12.52
N LYS A 430 -14.09 26.31 -12.50
CA LYS A 430 -14.34 25.31 -13.53
C LYS A 430 -14.67 25.92 -14.88
N GLU A 431 -15.49 26.97 -14.86
CA GLU A 431 -15.92 27.63 -16.08
C GLU A 431 -14.72 28.28 -16.72
N LEU A 432 -13.82 28.79 -15.88
CA LEU A 432 -12.59 29.44 -16.36
C LEU A 432 -11.63 28.42 -16.98
N LEU A 433 -11.36 27.33 -16.26
CA LEU A 433 -10.54 26.23 -16.75
C LEU A 433 -11.03 25.68 -18.09
N TRP A 434 -12.34 25.50 -18.21
CA TRP A 434 -12.89 24.92 -19.44
C TRP A 434 -12.80 25.90 -20.60
N HIS A 435 -13.16 27.16 -20.36
CA HIS A 435 -13.10 28.14 -21.43
C HIS A 435 -11.68 28.27 -21.95
N PHE A 436 -10.72 28.18 -21.03
CA PHE A 436 -9.31 28.21 -21.37
C PHE A 436 -8.66 26.82 -21.35
N ARG A 437 -9.45 25.84 -21.76
CA ARG A 437 -8.98 24.51 -22.17
C ARG A 437 -7.52 24.50 -22.63
N TYR A 438 -7.25 25.23 -23.71
CA TYR A 438 -6.02 25.06 -24.47
C TYR A 438 -4.78 25.66 -23.84
N GLU A 439 -4.96 26.74 -23.09
CA GLU A 439 -3.89 27.24 -22.24
C GLU A 439 -3.68 26.28 -21.07
N SER A 440 -4.76 25.87 -20.41
CA SER A 440 -4.72 24.95 -19.28
C SER A 440 -3.98 23.66 -19.65
N LEU A 441 -4.15 23.24 -20.90
CA LEU A 441 -3.49 22.04 -21.45
C LEU A 441 -1.96 22.13 -21.46
N LYS A 442 -1.42 23.34 -21.60
CA LYS A 442 0.04 23.55 -21.67
C LYS A 442 0.73 23.30 -20.32
N HIS A 443 -0.07 23.02 -19.29
CA HIS A 443 0.40 22.78 -17.94
C HIS A 443 -0.03 21.39 -17.49
N PRO A 444 0.91 20.43 -17.43
CA PRO A 444 0.60 19.10 -16.89
C PRO A 444 -0.15 19.15 -15.55
N LYS A 445 0.19 20.11 -14.72
CA LYS A 445 -0.44 20.23 -13.39
C LYS A 445 -1.89 20.68 -13.40
N ALA A 446 -2.34 21.27 -14.50
CA ALA A 446 -3.74 21.67 -14.64
C ALA A 446 -4.64 20.47 -14.86
N TYR A 447 -4.04 19.35 -15.27
CA TYR A 447 -4.80 18.20 -15.74
C TYR A 447 -5.92 17.64 -14.81
N PRO A 448 -5.59 17.32 -13.53
CA PRO A 448 -6.66 16.82 -12.63
C PRO A 448 -7.78 17.83 -12.46
N LYS A 449 -7.41 19.10 -12.33
CA LYS A 449 -8.37 20.19 -12.19
C LYS A 449 -9.15 20.40 -13.49
N LEU A 450 -8.48 20.22 -14.61
CA LEU A 450 -9.10 20.50 -15.89
C LEU A 450 -10.15 19.44 -16.23
N PHE A 451 -9.84 18.18 -16.00
CA PHE A 451 -10.77 17.10 -16.30
C PHE A 451 -11.89 16.92 -15.29
N SER A 452 -11.74 17.60 -14.15
CA SER A 452 -12.78 17.73 -13.14
C SER A 452 -13.59 18.99 -13.36
N SER A 453 -13.47 19.58 -14.54
CA SER A 453 -14.28 20.73 -14.92
C SER A 453 -15.12 20.36 -16.11
N VAL A 454 -14.95 19.12 -16.57
CA VAL A 454 -15.67 18.65 -17.72
C VAL A 454 -17.09 18.29 -17.30
N LYS A 455 -18.06 18.79 -18.05
CA LYS A 455 -19.44 18.38 -17.86
C LYS A 455 -19.65 17.04 -18.53
N TRP A 456 -19.36 15.99 -17.78
CA TRP A 456 -19.35 14.62 -18.31
C TRP A 456 -20.71 14.09 -18.76
N GLY A 457 -21.79 14.72 -18.29
CA GLY A 457 -23.13 14.31 -18.69
C GLY A 457 -23.66 15.13 -19.85
N GLN A 458 -22.81 15.36 -20.86
CA GLN A 458 -23.16 16.17 -22.02
C GLN A 458 -22.32 15.76 -23.25
N GLN A 459 -22.89 14.93 -24.10
CA GLN A 459 -22.22 14.28 -25.25
C GLN A 459 -21.19 15.13 -25.99
N GLU A 460 -21.58 16.34 -26.39
CA GLU A 460 -20.70 17.23 -27.16
C GLU A 460 -19.49 17.75 -26.38
N ILE A 461 -19.66 17.97 -25.08
CA ILE A 461 -18.56 18.37 -24.21
C ILE A 461 -17.50 17.26 -24.14
N VAL A 462 -17.93 16.01 -23.92
CA VAL A 462 -16.99 14.90 -23.82
C VAL A 462 -16.22 14.72 -25.13
N ALA A 463 -16.92 14.93 -26.24
CA ALA A 463 -16.31 14.89 -27.57
C ALA A 463 -15.19 15.92 -27.66
N LYS A 464 -15.48 17.15 -27.27
CA LYS A 464 -14.50 18.23 -27.20
C LYS A 464 -13.34 17.88 -26.28
N THR A 465 -13.64 17.19 -25.17
CA THR A 465 -12.63 16.69 -24.23
C THR A 465 -11.69 15.71 -24.92
N TYR A 466 -12.27 14.83 -25.74
CA TYR A 466 -11.50 13.85 -26.50
C TYR A 466 -10.66 14.48 -27.59
N GLN A 467 -11.16 15.55 -28.20
CA GLN A 467 -10.38 16.34 -29.15
C GLN A 467 -9.17 16.91 -28.45
N LEU A 468 -9.40 17.41 -27.25
CA LEU A 468 -8.38 18.00 -26.42
C LEU A 468 -7.33 16.96 -26.00
N LEU A 469 -7.78 15.74 -25.69
CA LEU A 469 -6.85 14.66 -25.36
C LEU A 469 -5.97 14.26 -26.56
N ALA A 470 -6.57 14.22 -27.75
CA ALA A 470 -5.88 13.81 -28.97
C ALA A 470 -4.69 14.73 -29.32
N ARG A 471 -4.58 15.83 -28.60
CA ARG A 471 -3.52 16.79 -28.82
C ARG A 471 -2.81 17.12 -27.50
N ARG A 472 -2.20 16.11 -26.89
CA ARG A 472 -1.52 16.30 -25.60
C ARG A 472 0.01 16.13 -25.71
N GLU A 473 0.59 16.92 -26.61
CA GLU A 473 2.03 16.93 -26.85
C GLU A 473 2.82 17.32 -25.61
N VAL A 474 2.34 18.34 -24.89
CA VAL A 474 3.02 18.83 -23.66
C VAL A 474 2.98 17.76 -22.56
N TRP A 475 1.81 17.13 -22.40
CA TRP A 475 1.65 16.03 -21.45
C TRP A 475 2.66 14.92 -21.70
N ASP A 476 2.62 14.35 -22.91
CA ASP A 476 3.49 13.23 -23.32
C ASP A 476 5.00 13.50 -23.18
N GLN A 477 5.41 14.75 -23.35
CA GLN A 477 6.84 15.10 -23.28
C GLN A 477 7.34 15.38 -21.87
N SER A 478 6.42 15.66 -20.93
CA SER A 478 6.78 16.07 -19.58
C SER A 478 7.37 14.92 -18.77
N ALA A 479 8.27 15.24 -17.86
CA ALA A 479 8.84 14.25 -16.96
C ALA A 479 7.75 13.75 -16.01
N LEU A 480 7.71 12.42 -15.88
CA LEU A 480 6.75 11.72 -15.04
C LEU A 480 6.63 12.34 -13.65
N ASP A 481 5.42 12.71 -13.28
CA ASP A 481 5.15 13.16 -11.93
C ASP A 481 4.17 12.20 -11.29
N VAL A 482 4.66 11.34 -10.41
CA VAL A 482 3.84 10.28 -9.84
C VAL A 482 2.62 10.84 -9.12
N GLY A 483 2.85 11.90 -8.34
CA GLY A 483 1.79 12.61 -7.63
C GLY A 483 0.66 13.03 -8.55
N LEU A 484 1.05 13.70 -9.63
CA LEU A 484 0.12 14.13 -10.70
C LEU A 484 -0.58 12.96 -11.37
N THR A 485 0.17 11.93 -11.70
CA THR A 485 -0.38 10.71 -12.30
C THR A 485 -1.45 10.05 -11.42
N MET A 486 -1.09 9.72 -10.19
CA MET A 486 -2.01 9.15 -9.21
C MET A 486 -3.39 9.81 -9.19
N GLN A 487 -3.41 11.14 -9.19
CA GLN A 487 -4.66 11.87 -8.98
C GLN A 487 -5.63 11.51 -10.05
N LEU A 488 -5.11 11.26 -11.24
CA LEU A 488 -5.92 10.90 -12.39
C LEU A 488 -6.45 9.48 -12.31
N LEU A 489 -5.90 8.67 -11.40
CA LEU A 489 -6.39 7.32 -11.16
C LEU A 489 -7.29 7.16 -9.92
N ASP A 490 -7.65 8.26 -9.26
CA ASP A 490 -8.47 8.15 -8.06
C ASP A 490 -9.96 8.14 -8.40
N CYS A 491 -10.79 8.22 -7.36
CA CYS A 491 -12.23 8.09 -7.48
C CYS A 491 -12.89 9.24 -8.24
N ASN A 492 -12.14 10.30 -8.49
CA ASN A 492 -12.67 11.48 -9.18
C ASN A 492 -12.64 11.36 -10.70
N PHE A 493 -12.25 10.20 -11.22
CA PHE A 493 -12.13 10.03 -12.68
C PHE A 493 -12.66 8.67 -13.13
N SER A 494 -13.61 8.70 -14.06
CA SER A 494 -14.29 7.49 -14.49
C SER A 494 -14.12 7.32 -15.98
N ASP A 495 -13.50 8.31 -16.60
CA ASP A 495 -13.26 8.26 -18.02
C ASP A 495 -12.01 7.45 -18.31
N GLU A 496 -12.17 6.38 -19.08
CA GLU A 496 -11.07 5.51 -19.44
C GLU A 496 -9.93 6.20 -20.19
N ASN A 497 -10.27 7.12 -21.09
CA ASN A 497 -9.26 7.87 -21.84
C ASN A 497 -8.47 8.82 -20.93
N VAL A 498 -9.18 9.49 -20.01
CA VAL A 498 -8.50 10.28 -19.00
C VAL A 498 -7.51 9.39 -18.24
N ARG A 499 -8.03 8.33 -17.63
CA ARG A 499 -7.23 7.40 -16.83
C ARG A 499 -6.08 6.75 -17.62
N ALA A 500 -6.29 6.52 -18.92
CA ALA A 500 -5.28 5.92 -19.77
C ALA A 500 -4.04 6.81 -19.94
N ILE A 501 -4.23 8.12 -19.93
CA ILE A 501 -3.08 9.03 -20.03
C ILE A 501 -2.25 8.96 -18.75
N ALA A 502 -2.88 8.55 -17.65
CA ALA A 502 -2.12 8.34 -16.43
C ALA A 502 -1.32 7.05 -16.53
N VAL A 503 -1.97 5.95 -16.87
CA VAL A 503 -1.29 4.66 -16.99
C VAL A 503 -0.17 4.76 -18.01
N GLN A 504 -0.43 5.50 -19.08
CA GLN A 504 0.57 5.84 -20.08
C GLN A 504 1.82 6.39 -19.41
N LYS A 505 1.63 7.39 -18.54
CA LYS A 505 2.76 7.98 -17.84
C LYS A 505 3.50 7.02 -16.92
N LEU A 506 2.80 6.01 -16.38
CA LEU A 506 3.45 5.04 -15.49
C LEU A 506 4.40 4.12 -16.24
N GLU A 507 4.12 3.87 -17.52
CA GLU A 507 4.91 2.96 -18.35
C GLU A 507 6.41 3.17 -18.19
N SER A 508 6.83 4.41 -17.98
CA SER A 508 8.26 4.74 -17.97
C SER A 508 8.95 4.43 -16.64
N LEU A 509 8.17 4.16 -15.59
CA LEU A 509 8.73 3.80 -14.29
C LEU A 509 9.63 2.56 -14.41
N GLU A 510 10.87 2.67 -13.93
CA GLU A 510 11.73 1.51 -13.78
C GLU A 510 11.18 0.60 -12.66
N ASP A 511 11.42 -0.71 -12.78
CA ASP A 511 10.89 -1.72 -11.85
C ASP A 511 11.08 -1.35 -10.40
N ASP A 512 12.16 -0.64 -10.13
CA ASP A 512 12.49 -0.23 -8.77
C ASP A 512 11.43 0.71 -8.22
N ASP A 513 10.85 1.53 -9.11
CA ASP A 513 9.86 2.51 -8.69
C ASP A 513 8.44 2.00 -8.69
N VAL A 514 8.20 0.89 -9.40
CA VAL A 514 6.90 0.25 -9.39
C VAL A 514 6.67 -0.34 -8.03
N LEU A 515 7.63 -1.14 -7.57
CA LEU A 515 7.64 -1.70 -6.21
C LEU A 515 7.37 -0.65 -5.13
N HIS A 516 7.78 0.59 -5.37
CA HIS A 516 7.53 1.66 -4.41
C HIS A 516 6.06 1.99 -4.34
N TYR A 517 5.38 1.96 -5.48
CA TYR A 517 3.98 2.36 -5.59
C TYR A 517 3.01 1.20 -5.80
N LEU A 518 3.53 -0.02 -5.83
CA LEU A 518 2.75 -1.17 -6.21
C LEU A 518 1.48 -1.32 -5.35
N LEU A 519 1.62 -1.13 -4.05
CA LEU A 519 0.48 -1.26 -3.16
C LEU A 519 -0.67 -0.30 -3.53
N GLN A 520 -0.35 0.97 -3.67
CA GLN A 520 -1.40 1.95 -3.95
C GLN A 520 -1.92 1.88 -5.39
N LEU A 521 -1.10 1.45 -6.34
CA LEU A 521 -1.58 1.18 -7.69
C LEU A 521 -2.54 -0.01 -7.70
N VAL A 522 -2.22 -1.06 -6.94
CA VAL A 522 -3.14 -2.17 -6.76
C VAL A 522 -4.44 -1.72 -6.09
N GLN A 523 -4.35 -0.86 -5.08
CA GLN A 523 -5.57 -0.33 -4.48
C GLN A 523 -6.31 0.57 -5.48
N ALA A 524 -5.55 1.26 -6.32
CA ALA A 524 -6.14 2.18 -7.30
C ALA A 524 -7.14 1.48 -8.21
N VAL A 525 -7.01 0.15 -8.31
CA VAL A 525 -7.87 -0.62 -9.18
C VAL A 525 -9.34 -0.56 -8.71
N LYS A 526 -9.53 -0.36 -7.40
CA LYS A 526 -10.86 -0.23 -6.84
C LYS A 526 -11.57 1.03 -7.33
N PHE A 527 -10.89 1.87 -8.10
CA PHE A 527 -11.52 3.08 -8.62
C PHE A 527 -11.86 2.95 -10.08
N GLU A 528 -11.44 1.85 -10.69
CA GLU A 528 -11.75 1.58 -12.08
C GLU A 528 -13.23 1.22 -12.24
N PRO A 529 -13.91 1.82 -13.23
CA PRO A 529 -15.28 1.48 -13.58
C PRO A 529 -15.46 0.02 -14.06
N TYR A 530 -14.50 -0.46 -14.85
CA TYR A 530 -14.60 -1.78 -15.50
C TYR A 530 -13.49 -2.71 -15.03
N HIS A 531 -13.81 -4.01 -14.98
CA HIS A 531 -12.83 -5.03 -14.59
C HIS A 531 -11.60 -5.03 -15.51
N ASP A 532 -11.80 -4.75 -16.79
CA ASP A 532 -10.70 -4.68 -17.75
C ASP A 532 -10.29 -3.23 -17.90
N SER A 533 -9.05 -2.92 -17.54
CA SER A 533 -8.59 -1.54 -17.54
C SER A 533 -7.11 -1.45 -17.86
N ALA A 534 -6.71 -0.33 -18.45
CA ALA A 534 -5.30 -0.04 -18.70
C ALA A 534 -4.45 -0.31 -17.45
N LEU A 535 -4.94 0.12 -16.27
CA LEU A 535 -4.17 -0.02 -15.05
C LEU A 535 -4.01 -1.47 -14.64
N ALA A 536 -5.10 -2.23 -14.76
CA ALA A 536 -5.05 -3.66 -14.48
C ALA A 536 -4.07 -4.37 -15.42
N ARG A 537 -4.17 -4.07 -16.72
CA ARG A 537 -3.23 -4.65 -17.69
C ARG A 537 -1.80 -4.27 -17.34
N PHE A 538 -1.60 -3.03 -16.92
CA PHE A 538 -0.28 -2.55 -16.56
C PHE A 538 0.34 -3.39 -15.47
N LEU A 539 -0.36 -3.51 -14.34
CA LEU A 539 0.12 -4.28 -13.21
C LEU A 539 0.45 -5.70 -13.65
N LEU A 540 -0.45 -6.28 -14.42
CA LEU A 540 -0.28 -7.60 -15.00
C LEU A 540 1.05 -7.69 -15.72
N LYS A 541 1.23 -6.78 -16.68
CA LYS A 541 2.42 -6.71 -17.52
C LYS A 541 3.66 -6.59 -16.64
N ARG A 542 3.75 -5.51 -15.88
CA ARG A 542 4.90 -5.24 -15.02
C ARG A 542 5.13 -6.31 -13.93
N GLY A 543 4.11 -7.12 -13.68
CA GLY A 543 4.24 -8.24 -12.76
C GLY A 543 4.93 -9.41 -13.41
N LEU A 544 4.54 -9.73 -14.63
CA LEU A 544 5.09 -10.87 -15.36
C LEU A 544 6.53 -10.66 -15.80
N ARG A 545 6.92 -9.41 -15.98
CA ARG A 545 8.26 -9.07 -16.42
C ARG A 545 9.29 -9.24 -15.30
N ASN A 546 8.87 -9.02 -14.05
CA ASN A 546 9.77 -9.03 -12.90
C ASN A 546 9.25 -9.94 -11.77
N LYS A 547 9.99 -11.00 -11.46
CA LYS A 547 9.64 -11.95 -10.40
C LYS A 547 9.37 -11.29 -9.07
N ARG A 548 10.12 -10.24 -8.75
CA ARG A 548 9.91 -9.52 -7.50
C ARG A 548 8.55 -8.78 -7.47
N ILE A 549 8.35 -7.84 -8.39
CA ILE A 549 7.03 -7.23 -8.54
C ILE A 549 5.94 -8.31 -8.57
N GLY A 550 6.18 -9.39 -9.31
CA GLY A 550 5.24 -10.51 -9.38
C GLY A 550 4.89 -11.05 -8.00
N HIS A 551 5.92 -11.45 -7.26
CA HIS A 551 5.75 -11.96 -5.90
C HIS A 551 4.84 -11.08 -5.06
N PHE A 552 5.18 -9.80 -4.95
CA PHE A 552 4.40 -8.90 -4.11
C PHE A 552 3.00 -8.64 -4.68
N LEU A 553 2.90 -8.51 -6.00
CA LEU A 553 1.60 -8.40 -6.66
C LEU A 553 0.66 -9.54 -6.23
N PHE A 554 1.19 -10.77 -6.27
CA PHE A 554 0.44 -11.93 -5.80
C PHE A 554 -0.18 -11.72 -4.42
N TRP A 555 0.65 -11.41 -3.42
CA TRP A 555 0.13 -11.25 -2.06
C TRP A 555 -0.80 -10.04 -1.93
N PHE A 556 -0.45 -8.93 -2.58
CA PHE A 556 -1.27 -7.74 -2.52
C PHE A 556 -2.70 -8.05 -2.97
N LEU A 557 -2.84 -8.72 -4.11
CA LEU A 557 -4.14 -9.15 -4.63
C LEU A 557 -4.81 -10.20 -3.75
N ARG A 558 -4.03 -11.18 -3.29
CA ARG A 558 -4.54 -12.22 -2.41
C ARG A 558 -5.10 -11.64 -1.09
N SER A 559 -4.36 -10.71 -0.51
CA SER A 559 -4.79 -9.93 0.64
C SER A 559 -6.23 -9.40 0.51
N GLU A 560 -6.53 -8.74 -0.61
CA GLU A 560 -7.83 -8.15 -0.87
C GLU A 560 -8.91 -9.19 -1.26
N ILE A 561 -8.50 -10.26 -1.92
CA ILE A 561 -9.40 -11.35 -2.29
C ILE A 561 -9.95 -12.03 -1.03
N ALA A 562 -9.10 -12.17 -0.02
CA ALA A 562 -9.47 -12.83 1.22
C ALA A 562 -10.45 -12.05 2.09
N GLN A 563 -10.34 -10.71 2.15
CA GLN A 563 -11.12 -9.98 3.17
C GLN A 563 -12.07 -8.90 2.65
N SER A 564 -12.26 -8.87 1.33
CA SER A 564 -13.16 -7.91 0.70
C SER A 564 -14.06 -8.54 -0.35
N ARG A 565 -15.36 -8.65 -0.06
CA ARG A 565 -16.32 -9.11 -1.06
C ARG A 565 -16.55 -8.08 -2.17
N HIS A 566 -16.44 -6.80 -1.84
CA HIS A 566 -16.69 -5.75 -2.84
C HIS A 566 -15.78 -5.83 -4.07
N TYR A 567 -14.59 -6.40 -3.89
CA TYR A 567 -13.62 -6.46 -5.00
C TYR A 567 -12.90 -7.81 -5.21
N GLN A 568 -13.32 -8.86 -4.51
CA GLN A 568 -12.63 -10.13 -4.69
C GLN A 568 -12.78 -10.70 -6.11
N GLN A 569 -13.97 -10.57 -6.69
CA GLN A 569 -14.25 -11.14 -8.00
C GLN A 569 -13.32 -10.59 -9.06
N ARG A 570 -13.05 -9.28 -8.97
CA ARG A 570 -12.20 -8.58 -9.93
C ARG A 570 -10.72 -8.90 -9.74
N PHE A 571 -10.25 -8.73 -8.51
CA PHE A 571 -8.87 -9.01 -8.18
C PHE A 571 -8.51 -10.47 -8.49
N ALA A 572 -9.47 -11.37 -8.25
CA ALA A 572 -9.27 -12.80 -8.57
C ALA A 572 -9.03 -13.04 -10.06
N VAL A 573 -9.73 -12.28 -10.91
CA VAL A 573 -9.52 -12.38 -12.34
C VAL A 573 -8.10 -11.92 -12.72
N ILE A 574 -7.66 -10.82 -12.11
CA ILE A 574 -6.34 -10.26 -12.37
C ILE A 574 -5.23 -11.17 -11.87
N LEU A 575 -5.45 -11.81 -10.72
CA LEU A 575 -4.45 -12.74 -10.16
C LEU A 575 -4.34 -14.00 -10.99
N GLU A 576 -5.48 -14.58 -11.37
CA GLU A 576 -5.49 -15.76 -12.25
C GLU A 576 -4.73 -15.46 -13.54
N ALA A 577 -4.99 -14.29 -14.11
CA ALA A 577 -4.29 -13.84 -15.31
C ALA A 577 -2.77 -13.84 -15.08
N TYR A 578 -2.35 -13.33 -13.91
CA TYR A 578 -0.93 -13.29 -13.57
C TYR A 578 -0.31 -14.67 -13.38
N LEU A 579 -0.99 -15.52 -12.60
CA LEU A 579 -0.44 -16.84 -12.29
C LEU A 579 -0.22 -17.68 -13.55
N ARG A 580 -1.14 -17.55 -14.50
CA ARG A 580 -1.05 -18.29 -15.77
C ARG A 580 0.14 -17.87 -16.63
N GLY A 581 0.93 -16.92 -16.13
CA GLY A 581 2.10 -16.45 -16.87
C GLY A 581 3.39 -16.35 -16.07
N CYS A 582 3.32 -16.68 -14.78
CA CYS A 582 4.49 -16.51 -13.92
C CYS A 582 5.49 -17.65 -14.04
N GLY A 583 5.03 -18.82 -14.50
CA GLY A 583 5.92 -19.96 -14.69
C GLY A 583 5.87 -20.95 -13.54
N THR A 584 6.28 -22.18 -13.83
CA THR A 584 6.20 -23.31 -12.90
C THR A 584 6.96 -23.09 -11.59
N ALA A 585 8.09 -22.39 -11.67
CA ALA A 585 8.91 -22.10 -10.51
C ALA A 585 8.13 -21.27 -9.50
N MET A 586 7.60 -20.13 -9.97
CA MET A 586 6.82 -19.24 -9.12
C MET A 586 5.62 -20.00 -8.55
N LEU A 587 4.90 -20.71 -9.42
CA LEU A 587 3.71 -21.48 -9.04
C LEU A 587 3.99 -22.41 -7.87
N HIS A 588 5.13 -23.09 -7.93
CA HIS A 588 5.54 -24.00 -6.87
C HIS A 588 5.83 -23.22 -5.60
N ASP A 589 6.52 -22.09 -5.73
CA ASP A 589 6.84 -21.23 -4.61
C ASP A 589 5.55 -20.78 -3.95
N PHE A 590 4.69 -20.13 -4.72
CA PHE A 590 3.40 -19.68 -4.21
C PHE A 590 2.68 -20.83 -3.50
N THR A 591 2.48 -21.94 -4.19
CA THR A 591 1.82 -23.11 -3.61
C THR A 591 2.42 -23.48 -2.25
N GLN A 592 3.74 -23.42 -2.16
CA GLN A 592 4.44 -23.75 -0.93
C GLN A 592 4.19 -22.70 0.18
N GLN A 593 4.11 -21.44 -0.20
CA GLN A 593 3.90 -20.35 0.76
C GLN A 593 2.51 -20.41 1.37
N VAL A 594 1.51 -20.65 0.52
CA VAL A 594 0.13 -20.74 0.95
C VAL A 594 -0.02 -21.87 1.96
N GLN A 595 0.43 -23.06 1.58
CA GLN A 595 0.36 -24.25 2.44
C GLN A 595 0.84 -23.95 3.85
N VAL A 596 2.00 -23.30 3.96
CA VAL A 596 2.60 -22.95 5.24
C VAL A 596 1.71 -22.01 6.04
N ILE A 597 1.44 -20.82 5.51
CA ILE A 597 0.62 -19.85 6.24
C ILE A 597 -0.79 -20.37 6.53
N GLU A 598 -1.25 -21.35 5.76
CA GLU A 598 -2.56 -21.96 5.98
C GLU A 598 -2.50 -22.98 7.12
N MET A 599 -1.37 -23.71 7.20
CA MET A 599 -1.12 -24.63 8.29
C MET A 599 -0.90 -23.87 9.60
N LEU A 600 -0.15 -22.78 9.51
CA LEU A 600 0.19 -21.97 10.68
C LEU A 600 -1.01 -21.16 11.21
N GLN A 601 -1.78 -20.55 10.30
CA GLN A 601 -2.97 -19.78 10.71
C GLN A 601 -3.95 -20.63 11.52
N LYS A 602 -4.13 -21.89 11.13
CA LYS A 602 -4.97 -22.84 11.87
C LYS A 602 -4.51 -22.98 13.31
N VAL A 603 -3.20 -23.11 13.50
CA VAL A 603 -2.60 -23.27 14.81
C VAL A 603 -2.79 -22.01 15.66
N THR A 604 -2.73 -20.83 15.03
CA THR A 604 -2.93 -19.56 15.72
C THR A 604 -4.37 -19.43 16.26
N LEU A 605 -5.34 -19.72 15.41
CA LEU A 605 -6.76 -19.63 15.79
C LEU A 605 -7.09 -20.59 16.92
N ASP A 606 -6.51 -21.79 16.87
CA ASP A 606 -6.74 -22.82 17.90
C ASP A 606 -6.18 -22.44 19.26
N ILE A 607 -4.97 -21.90 19.27
CA ILE A 607 -4.28 -21.51 20.51
C ILE A 607 -4.97 -20.32 21.20
N LYS A 608 -5.49 -19.39 20.40
CA LYS A 608 -6.20 -18.22 20.93
C LYS A 608 -7.43 -18.63 21.74
N SER A 609 -8.02 -19.77 21.37
CA SER A 609 -9.23 -20.31 22.00
C SER A 609 -9.00 -20.93 23.38
N LEU A 610 -7.74 -21.24 23.68
CA LEU A 610 -7.37 -21.78 25.00
C LEU A 610 -7.12 -20.70 26.05
N SER A 611 -7.49 -19.46 25.71
CA SER A 611 -7.39 -18.31 26.62
C SER A 611 -8.58 -18.30 27.58
N ASP A 616 -2.97 -13.15 30.19
CA ASP A 616 -1.88 -13.96 30.73
C ASP A 616 -1.68 -15.25 29.95
N VAL A 617 -0.42 -15.63 29.78
CA VAL A 617 -0.04 -16.80 28.99
C VAL A 617 0.30 -18.00 29.87
N SER A 618 -0.49 -19.07 29.74
CA SER A 618 -0.24 -20.33 30.45
C SER A 618 1.11 -20.95 30.07
N SER A 619 1.66 -21.75 30.97
CA SER A 619 2.91 -22.45 30.71
C SER A 619 2.64 -23.75 29.94
N GLN A 620 1.53 -24.41 30.29
CA GLN A 620 1.11 -25.64 29.63
C GLN A 620 0.69 -25.36 28.19
N VAL A 621 0.18 -24.15 27.94
CA VAL A 621 -0.21 -23.76 26.60
C VAL A 621 0.99 -23.58 25.67
N ILE A 622 2.16 -23.33 26.24
CA ILE A 622 3.40 -23.24 25.44
C ILE A 622 3.77 -24.63 24.91
N SER A 623 3.56 -25.65 25.74
CA SER A 623 3.77 -27.03 25.32
C SER A 623 2.70 -27.47 24.34
N GLN A 624 1.49 -26.93 24.50
CA GLN A 624 0.40 -27.14 23.53
C GLN A 624 0.81 -26.65 22.13
N LEU A 625 1.40 -25.45 22.07
CA LEU A 625 1.88 -24.86 20.82
C LEU A 625 3.06 -25.66 20.26
N LYS A 626 4.01 -25.98 21.13
CA LYS A 626 5.21 -26.72 20.75
C LYS A 626 4.89 -28.15 20.31
N GLN A 627 3.81 -28.71 20.86
CA GLN A 627 3.34 -30.04 20.47
C GLN A 627 2.81 -30.04 19.03
N LYS A 628 2.00 -29.04 18.71
CA LYS A 628 1.40 -28.93 17.38
C LYS A 628 2.39 -28.50 16.30
N LEU A 629 3.39 -27.72 16.69
CA LEU A 629 4.45 -27.30 15.75
C LEU A 629 5.38 -28.46 15.39
N GLU A 630 5.61 -29.35 16.35
CA GLU A 630 6.34 -30.59 16.11
C GLU A 630 5.54 -31.51 15.17
N ASN A 631 4.23 -31.57 15.40
CA ASN A 631 3.33 -32.41 14.60
C ASN A 631 3.33 -32.01 13.14
N LEU A 632 3.31 -30.70 12.88
CA LEU A 632 3.27 -30.19 11.52
C LEU A 632 4.60 -30.42 10.79
N GLN A 633 5.69 -30.46 11.55
CA GLN A 633 7.04 -30.67 11.00
C GLN A 633 7.13 -31.93 10.12
N ASN A 634 6.33 -32.95 10.44
CA ASN A 634 6.27 -34.17 9.64
C ASN A 634 5.07 -34.16 8.70
N SER A 635 3.88 -34.21 9.28
CA SER A 635 2.59 -34.30 8.57
C SER A 635 2.56 -33.80 7.11
N GLN A 636 2.43 -32.48 6.92
CA GLN A 636 2.31 -31.91 5.58
C GLN A 636 3.24 -30.72 5.26
N LEU A 637 3.81 -30.10 6.29
CA LEU A 637 4.56 -28.84 6.10
C LEU A 637 5.77 -28.99 5.19
N PRO A 638 5.83 -28.16 4.12
CA PRO A 638 7.02 -28.10 3.28
C PRO A 638 8.19 -27.58 4.09
N GLU A 639 9.32 -28.28 3.98
CA GLU A 639 10.49 -28.00 4.80
C GLU A 639 11.29 -26.77 4.33
N SER A 640 10.79 -26.07 3.31
CA SER A 640 11.32 -24.73 2.96
C SER A 640 10.30 -23.87 2.18
N PHE A 641 10.33 -22.56 2.40
CA PHE A 641 9.40 -21.62 1.75
C PHE A 641 9.94 -20.19 1.72
N ARG A 642 9.50 -19.40 0.74
CA ARG A 642 9.85 -17.98 0.67
C ARG A 642 9.16 -17.13 1.73
N VAL A 643 9.91 -16.23 2.33
CA VAL A 643 9.39 -15.32 3.34
C VAL A 643 8.61 -14.25 2.60
N PRO A 644 7.27 -14.25 2.72
CA PRO A 644 6.43 -13.38 1.88
C PRO A 644 6.75 -11.87 1.90
N TYR A 645 7.30 -11.34 3.00
CA TYR A 645 7.65 -9.93 3.05
C TYR A 645 9.10 -9.65 2.62
N ASP A 646 9.82 -10.72 2.31
CA ASP A 646 11.24 -10.68 1.93
C ASP A 646 11.52 -11.91 1.06
N PRO A 647 11.13 -11.86 -0.22
CA PRO A 647 11.17 -13.03 -1.11
C PRO A 647 12.59 -13.47 -1.47
N GLY A 648 13.58 -12.73 -0.98
CA GLY A 648 14.96 -13.16 -1.05
C GLY A 648 15.21 -14.36 -0.15
N LEU A 649 14.69 -14.28 1.08
CA LEU A 649 14.95 -15.24 2.16
C LEU A 649 14.10 -16.50 2.11
N LYS A 650 14.76 -17.66 2.02
CA LYS A 650 14.06 -18.93 2.12
C LYS A 650 14.18 -19.54 3.50
N ALA A 651 13.08 -19.55 4.24
CA ALA A 651 13.01 -20.17 5.55
C ALA A 651 12.89 -21.68 5.42
N GLY A 652 13.58 -22.40 6.30
CA GLY A 652 13.50 -23.85 6.36
C GLY A 652 12.81 -24.32 7.62
N ALA A 653 13.31 -25.41 8.19
CA ALA A 653 12.73 -26.03 9.39
C ALA A 653 12.58 -25.03 10.54
N LEU A 654 11.67 -25.33 11.46
CA LEU A 654 11.39 -24.43 12.58
C LEU A 654 12.51 -24.39 13.63
N ALA A 655 12.24 -23.70 14.74
CA ALA A 655 13.12 -23.67 15.90
C ALA A 655 12.18 -23.69 17.10
N ILE A 656 11.57 -24.86 17.29
CA ILE A 656 10.48 -25.06 18.25
C ILE A 656 10.77 -24.47 19.64
N GLU A 657 12.02 -24.61 20.12
CA GLU A 657 12.43 -24.07 21.43
C GLU A 657 12.19 -22.55 21.54
N LYS A 658 12.38 -21.83 20.45
CA LYS A 658 12.20 -20.37 20.44
C LYS A 658 10.76 -19.92 20.18
N CYS A 659 9.91 -20.85 19.74
CA CYS A 659 8.49 -20.56 19.47
C CYS A 659 7.69 -20.36 20.75
N LYS A 660 6.89 -19.30 20.78
CA LYS A 660 6.06 -19.01 21.93
C LYS A 660 4.79 -18.24 21.54
N VAL A 661 4.01 -17.84 22.55
CA VAL A 661 2.86 -16.97 22.36
C VAL A 661 3.12 -15.67 23.12
N MET A 662 3.02 -14.53 22.43
CA MET A 662 3.29 -13.22 23.05
C MET A 662 2.21 -12.80 24.06
N ALA A 663 2.63 -12.09 25.10
CA ALA A 663 1.76 -11.63 26.19
C ALA A 663 0.55 -10.80 25.75
N SER A 664 0.63 -10.22 24.54
CA SER A 664 -0.48 -9.49 23.92
C SER A 664 -1.80 -10.23 24.04
N LYS A 665 -2.88 -9.50 24.29
CA LYS A 665 -4.21 -10.11 24.45
C LYS A 665 -4.82 -10.61 23.13
N LYS A 666 -4.22 -10.22 22.00
CA LYS A 666 -4.56 -10.80 20.70
C LYS A 666 -3.72 -12.06 20.42
N LYS A 667 -2.90 -12.41 21.41
CA LYS A 667 -2.12 -13.65 21.46
C LYS A 667 -1.56 -14.13 20.09
N PRO A 668 -0.52 -13.44 19.61
CA PRO A 668 0.12 -13.78 18.34
C PRO A 668 1.26 -14.80 18.49
N LEU A 669 1.59 -15.49 17.39
CA LEU A 669 2.65 -16.51 17.38
C LEU A 669 4.02 -15.96 17.03
N TRP A 670 4.90 -15.89 18.04
CA TRP A 670 6.31 -15.58 17.82
C TRP A 670 6.97 -16.88 17.35
N LEU A 671 7.34 -16.93 16.07
CA LEU A 671 7.91 -18.14 15.47
C LEU A 671 9.27 -17.85 14.87
N GLU A 672 10.19 -18.80 15.00
CA GLU A 672 11.53 -18.63 14.44
C GLU A 672 11.93 -19.81 13.54
N PHE A 673 12.63 -19.51 12.46
CA PHE A 673 12.94 -20.50 11.44
C PHE A 673 14.43 -20.52 11.14
N LYS A 674 14.94 -21.73 10.88
CA LYS A 674 16.27 -21.87 10.30
C LYS A 674 16.19 -21.43 8.84
N CYS A 675 17.33 -20.96 8.33
CA CYS A 675 17.45 -20.55 6.95
C CYS A 675 17.80 -21.78 6.11
N ALA A 676 17.00 -22.04 5.08
CA ALA A 676 17.15 -23.25 4.25
C ALA A 676 18.37 -23.21 3.33
N ASP A 677 19.01 -22.05 3.23
CA ASP A 677 20.14 -21.92 2.32
C ASP A 677 21.45 -22.20 3.07
N PRO A 678 22.13 -23.29 2.71
CA PRO A 678 23.34 -23.71 3.43
C PRO A 678 24.41 -22.63 3.34
N THR A 679 24.52 -21.99 2.18
CA THR A 679 25.51 -20.94 1.94
C THR A 679 25.29 -19.68 2.77
N ALA A 680 24.18 -19.63 3.50
CA ALA A 680 23.91 -18.56 4.46
C ALA A 680 25.08 -18.42 5.40
N LEU A 681 25.59 -17.20 5.54
CA LEU A 681 26.77 -16.99 6.37
C LEU A 681 26.43 -16.43 7.75
N SER A 682 25.39 -16.98 8.35
CA SER A 682 24.93 -16.54 9.65
C SER A 682 24.27 -17.67 10.44
N ASN A 683 24.04 -17.38 11.71
CA ASN A 683 23.43 -18.31 12.65
C ASN A 683 22.02 -17.89 13.03
N GLU A 684 21.74 -16.60 12.81
CA GLU A 684 20.47 -15.96 13.17
C GLU A 684 19.29 -16.70 12.58
N THR A 685 18.26 -16.94 13.40
CA THR A 685 17.03 -17.51 12.89
C THR A 685 16.18 -16.44 12.21
N ILE A 686 15.16 -16.87 11.47
CA ILE A 686 14.22 -15.97 10.83
C ILE A 686 12.98 -15.83 11.71
N GLY A 687 12.78 -14.63 12.26
CA GLY A 687 11.69 -14.41 13.20
C GLY A 687 10.45 -13.82 12.58
N ILE A 688 9.39 -14.61 12.47
CA ILE A 688 8.11 -14.12 11.98
C ILE A 688 7.06 -14.13 13.07
N ILE A 689 6.35 -13.02 13.23
CA ILE A 689 5.15 -12.97 14.08
C ILE A 689 3.96 -13.43 13.26
N PHE A 690 3.12 -14.29 13.84
CA PHE A 690 1.82 -14.62 13.26
C PHE A 690 0.67 -14.07 14.07
N LYS A 691 0.00 -13.05 13.52
CA LYS A 691 -1.04 -12.39 14.26
C LYS A 691 -2.42 -12.62 13.67
N HIS A 692 -3.38 -12.88 14.56
CA HIS A 692 -4.79 -12.83 14.22
C HIS A 692 -5.52 -11.83 15.12
N GLY A 693 -6.54 -11.18 14.58
CA GLY A 693 -7.42 -10.33 15.37
C GLY A 693 -7.47 -8.91 14.85
N ASP A 694 -6.49 -8.56 14.02
CA ASP A 694 -6.38 -7.22 13.47
C ASP A 694 -6.42 -7.15 11.94
N ASP A 695 -6.77 -5.98 11.42
CA ASP A 695 -6.70 -5.73 9.99
C ASP A 695 -5.30 -5.20 9.66
N LEU A 696 -4.48 -6.08 9.09
CA LEU A 696 -3.10 -5.75 8.80
C LEU A 696 -2.96 -4.98 7.48
N ARG A 697 -4.07 -4.87 6.75
CA ARG A 697 -4.10 -4.13 5.52
C ARG A 697 -3.76 -2.67 5.75
N GLN A 698 -4.20 -2.15 6.90
CA GLN A 698 -3.94 -0.77 7.27
C GLN A 698 -2.46 -0.56 7.55
N ASP A 699 -1.84 -1.55 8.18
CA ASP A 699 -0.46 -1.47 8.56
C ASP A 699 0.45 -1.47 7.36
N MET A 700 0.11 -2.29 6.37
CA MET A 700 0.82 -2.33 5.09
C MET A 700 0.88 -0.95 4.45
N LEU A 701 -0.28 -0.30 4.38
CA LEU A 701 -0.39 1.01 3.76
C LEU A 701 0.51 2.04 4.41
N ILE A 702 0.44 2.13 5.75
CA ILE A 702 1.27 3.08 6.52
C ILE A 702 2.76 2.82 6.28
N LEU A 703 3.17 1.56 6.41
CA LEU A 703 4.55 1.15 6.19
C LEU A 703 5.00 1.46 4.77
N GLN A 704 4.13 1.24 3.79
CA GLN A 704 4.46 1.54 2.41
C GLN A 704 4.56 3.03 2.17
N ILE A 705 3.75 3.81 2.88
CA ILE A 705 3.92 5.26 2.83
C ILE A 705 5.25 5.62 3.46
N LEU A 706 5.61 4.91 4.53
CA LEU A 706 6.87 5.17 5.23
C LEU A 706 8.05 4.98 4.30
N ARG A 707 8.00 3.89 3.53
CA ARG A 707 8.98 3.64 2.50
C ARG A 707 9.01 4.77 1.48
N ILE A 708 7.85 5.27 1.09
CA ILE A 708 7.81 6.36 0.11
C ILE A 708 8.49 7.60 0.69
N MET A 709 8.26 7.82 1.98
CA MET A 709 8.84 8.97 2.67
C MET A 709 10.35 8.88 2.67
N GLU A 710 10.89 7.68 2.87
CA GLU A 710 12.33 7.47 2.84
C GLU A 710 12.92 7.84 1.49
N SER A 711 12.48 7.15 0.44
CA SER A 711 13.01 7.38 -0.90
C SER A 711 12.89 8.84 -1.33
N ILE A 712 11.92 9.57 -0.77
CA ILE A 712 11.81 11.01 -1.00
C ILE A 712 13.03 11.69 -0.38
N TRP A 713 13.23 11.44 0.91
CA TRP A 713 14.37 11.96 1.62
C TRP A 713 15.71 11.59 0.97
N GLU A 714 15.73 10.51 0.20
CA GLU A 714 16.92 10.10 -0.54
C GLU A 714 17.22 11.08 -1.68
N THR A 715 16.18 11.60 -2.32
CA THR A 715 16.35 12.57 -3.43
C THR A 715 17.05 13.84 -2.96
N GLU A 716 17.05 14.05 -1.65
CA GLU A 716 17.79 15.15 -1.04
C GLU A 716 18.92 14.65 -0.14
N SER A 717 19.44 13.47 -0.50
CA SER A 717 20.64 12.86 0.14
C SER A 717 20.53 12.59 1.65
N LEU A 718 19.30 12.58 2.17
CA LEU A 718 19.07 12.30 3.58
C LEU A 718 18.79 10.83 3.79
N ASP A 719 19.05 10.36 5.02
CA ASP A 719 18.77 9.00 5.44
C ASP A 719 18.35 9.05 6.90
N LEU A 720 17.04 9.04 7.14
CA LEU A 720 16.50 9.19 8.50
C LEU A 720 16.22 7.86 9.21
N CYS A 721 16.85 6.80 8.71
CA CYS A 721 16.92 5.49 9.34
C CYS A 721 15.63 4.91 9.93
N LEU A 722 14.51 5.06 9.20
CA LEU A 722 13.25 4.45 9.62
C LEU A 722 13.40 2.94 9.56
N LEU A 723 12.62 2.24 10.39
CA LEU A 723 12.46 0.79 10.25
C LEU A 723 11.05 0.43 9.83
N PRO A 724 10.83 0.36 8.50
CA PRO A 724 9.56 -0.10 7.98
C PRO A 724 9.61 -1.61 7.76
N TYR A 725 9.63 -2.36 8.86
CA TYR A 725 9.65 -3.83 8.86
C TYR A 725 8.58 -4.47 7.94
N GLY A 726 8.84 -5.70 7.52
CA GLY A 726 7.90 -6.45 6.69
C GLY A 726 6.59 -6.77 7.39
N CYS A 727 5.50 -6.66 6.64
CA CYS A 727 4.17 -6.92 7.16
C CYS A 727 3.23 -7.24 6.00
N ILE A 728 2.83 -8.50 5.88
CA ILE A 728 1.93 -8.91 4.82
C ILE A 728 0.60 -9.43 5.37
N SER A 729 -0.51 -8.86 4.90
CA SER A 729 -1.85 -9.32 5.25
C SER A 729 -2.23 -10.49 4.37
N THR A 730 -2.13 -11.70 4.92
CA THR A 730 -2.22 -12.95 4.14
C THR A 730 -3.66 -13.45 3.90
N GLY A 731 -4.56 -13.14 4.84
CA GLY A 731 -5.93 -13.64 4.80
C GLY A 731 -6.87 -12.86 5.70
N ASP A 732 -7.99 -13.48 6.07
CA ASP A 732 -9.07 -12.77 6.76
C ASP A 732 -8.75 -12.42 8.23
N LYS A 733 -8.39 -11.15 8.46
CA LYS A 733 -8.04 -10.62 9.79
C LYS A 733 -6.76 -11.23 10.41
N ILE A 734 -5.94 -11.84 9.55
CA ILE A 734 -4.78 -12.59 9.99
C ILE A 734 -3.61 -12.56 8.97
N GLY A 735 -2.43 -12.16 9.42
CA GLY A 735 -1.25 -12.07 8.57
C GLY A 735 0.06 -12.28 9.29
N MET A 736 1.16 -11.85 8.68
CA MET A 736 2.47 -12.03 9.30
C MET A 736 3.36 -10.78 9.31
N ILE A 737 4.35 -10.78 10.21
CA ILE A 737 5.18 -9.61 10.47
C ILE A 737 6.63 -10.01 10.74
N GLU A 738 7.56 -9.21 10.19
CA GLU A 738 8.98 -9.37 10.47
C GLU A 738 9.29 -9.03 11.92
N ILE A 739 10.07 -9.89 12.57
CA ILE A 739 10.61 -9.59 13.90
C ILE A 739 11.97 -8.90 13.76
N VAL A 740 12.04 -7.62 14.13
CA VAL A 740 13.30 -6.90 14.13
C VAL A 740 14.19 -7.47 15.23
N LYS A 741 15.41 -7.87 14.86
CA LYS A 741 16.33 -8.49 15.81
C LYS A 741 16.92 -7.49 16.83
N ASP A 742 17.24 -8.02 18.02
CA ASP A 742 17.82 -7.24 19.13
C ASP A 742 17.08 -5.93 19.43
N ALA A 743 15.77 -6.00 19.55
CA ALA A 743 14.95 -4.82 19.78
C ALA A 743 13.93 -5.00 20.91
N THR A 744 13.57 -3.91 21.57
CA THR A 744 12.57 -3.97 22.64
C THR A 744 11.76 -2.66 22.70
N THR A 745 10.61 -2.73 23.36
CA THR A 745 9.70 -1.59 23.48
C THR A 745 10.18 -0.61 24.52
N ILE A 746 9.86 0.67 24.34
CA ILE A 746 10.23 1.73 25.26
C ILE A 746 9.64 1.52 26.66
N ALA A 747 8.41 1.01 26.72
CA ALA A 747 7.74 0.72 27.99
C ALA A 747 8.50 -0.28 28.86
N LYS A 748 9.04 -1.31 28.21
CA LYS A 748 9.78 -2.39 28.88
C LYS A 748 11.10 -1.88 29.48
N ILE A 749 11.70 -0.90 28.81
CA ILE A 749 12.90 -0.20 29.30
C ILE A 749 12.55 0.55 30.59
N GLN A 750 11.37 1.19 30.58
CA GLN A 750 10.86 1.87 31.77
C GLN A 750 10.38 0.88 32.85
N GLN A 751 10.02 -0.33 32.43
CA GLN A 751 9.56 -1.36 33.37
C GLN A 751 10.69 -2.04 34.15
N SER A 752 11.87 -2.17 33.52
CA SER A 752 12.99 -2.89 34.12
C SER A 752 13.73 -2.09 35.20
N THR A 753 13.67 -0.76 35.10
CA THR A 753 14.29 0.13 36.09
C THR A 753 13.25 0.68 37.07
N VAL A 754 12.21 1.30 36.51
CA VAL A 754 11.19 1.98 37.30
C VAL A 754 10.14 1.02 37.87
N GLY A 755 9.65 0.10 37.03
CA GLY A 755 8.71 -0.93 37.47
C GLY A 755 7.35 -0.92 36.77
N ASN A 756 6.33 -1.37 37.49
CA ASN A 756 4.96 -1.45 36.98
C ASN A 756 4.35 -0.07 36.71
N THR A 757 3.91 0.60 37.77
CA THR A 757 3.03 1.80 37.66
C THR A 757 3.60 3.01 36.88
N GLY A 758 4.89 3.02 36.61
CA GLY A 758 5.48 4.00 35.69
C GLY A 758 5.67 5.40 36.22
N ALA A 759 6.55 5.55 37.21
CA ALA A 759 7.07 6.84 37.64
C ALA A 759 8.19 7.23 36.68
N PHE A 760 7.84 7.47 35.42
CA PHE A 760 8.78 7.54 34.32
C PHE A 760 10.06 8.34 34.60
N LYS A 761 11.19 7.65 34.56
CA LYS A 761 12.48 8.27 34.83
C LYS A 761 13.22 8.66 33.56
N ASP A 762 13.68 9.91 33.54
CA ASP A 762 14.24 10.55 32.35
C ASP A 762 15.58 9.98 31.87
N GLU A 763 16.28 9.28 32.76
CA GLU A 763 17.66 8.83 32.46
C GLU A 763 17.83 7.38 32.03
N VAL A 764 16.75 6.61 32.02
CA VAL A 764 16.81 5.15 31.82
C VAL A 764 17.22 4.69 30.41
N LEU A 765 16.79 5.44 29.39
CA LEU A 765 17.04 5.06 28.00
C LEU A 765 18.52 5.13 27.64
N ASN A 766 19.12 6.31 27.80
CA ASN A 766 20.57 6.49 27.59
C ASN A 766 21.38 5.49 28.41
N HIS A 767 20.90 5.21 29.62
CA HIS A 767 21.46 4.19 30.50
C HIS A 767 21.38 2.83 29.82
N TRP A 768 20.23 2.52 29.22
CA TRP A 768 20.02 1.26 28.51
C TRP A 768 20.87 1.17 27.23
N LEU A 769 21.08 2.31 26.59
CA LEU A 769 21.91 2.37 25.40
C LEU A 769 23.38 2.10 25.75
N LYS A 770 23.82 2.67 26.87
CA LYS A 770 25.17 2.44 27.40
C LYS A 770 25.42 0.97 27.64
N GLU A 771 24.49 0.30 28.31
CA GLU A 771 24.64 -1.11 28.68
C GLU A 771 24.44 -2.12 27.53
N LYS A 772 24.00 -1.63 26.36
CA LYS A 772 23.91 -2.48 25.17
C LYS A 772 24.99 -2.12 24.16
N SER A 773 25.65 -0.99 24.39
CA SER A 773 26.83 -0.61 23.61
C SER A 773 28.04 -1.38 24.13
N PRO A 774 28.69 -2.17 23.23
CA PRO A 774 29.88 -2.91 23.64
C PRO A 774 31.05 -1.97 23.92
N THR A 775 31.33 -1.08 22.95
CA THR A 775 32.46 -0.17 23.03
C THR A 775 32.00 1.30 23.01
N GLU A 776 32.96 2.20 23.18
CA GLU A 776 32.73 3.63 23.05
C GLU A 776 32.49 3.99 21.58
N GLU A 777 33.12 3.21 20.69
CA GLU A 777 32.99 3.39 19.25
C GLU A 777 31.55 3.21 18.79
N LYS A 778 30.90 2.20 19.35
CA LYS A 778 29.57 1.83 18.93
C LYS A 778 28.48 2.68 19.58
N PHE A 779 28.80 3.27 20.73
CA PHE A 779 27.87 4.16 21.43
C PHE A 779 27.62 5.47 20.69
N GLN A 780 28.65 5.97 20.02
CA GLN A 780 28.52 7.22 19.26
C GLN A 780 27.57 7.06 18.08
N ALA A 781 27.75 5.98 17.32
CA ALA A 781 26.93 5.66 16.16
C ALA A 781 25.51 5.23 16.57
N ALA A 782 25.37 4.72 17.80
CA ALA A 782 24.06 4.35 18.36
C ALA A 782 23.22 5.58 18.71
N VAL A 783 23.79 6.49 19.49
CA VAL A 783 23.12 7.74 19.85
C VAL A 783 22.80 8.54 18.58
N GLU A 784 23.68 8.45 17.59
CA GLU A 784 23.51 9.16 16.34
C GLU A 784 22.39 8.55 15.48
N ARG A 785 22.23 7.23 15.57
CA ARG A 785 21.17 6.55 14.84
C ARG A 785 19.82 6.80 15.52
N PHE A 786 19.86 7.16 16.80
CA PHE A 786 18.67 7.46 17.56
C PHE A 786 18.14 8.82 17.18
N VAL A 787 19.03 9.80 17.10
CA VAL A 787 18.66 11.17 16.75
C VAL A 787 18.08 11.21 15.34
N TYR A 788 18.65 10.41 14.45
CA TYR A 788 18.16 10.27 13.08
C TYR A 788 16.80 9.58 13.03
N SER A 789 16.72 8.38 13.59
CA SER A 789 15.48 7.60 13.54
C SER A 789 14.35 8.29 14.30
N CYS A 790 14.68 8.95 15.40
CA CYS A 790 13.69 9.69 16.16
C CYS A 790 13.14 10.84 15.33
N ALA A 791 14.00 11.56 14.65
CA ALA A 791 13.59 12.68 13.81
C ALA A 791 12.62 12.25 12.70
N GLY A 792 12.94 11.14 12.03
CA GLY A 792 12.09 10.59 10.99
C GLY A 792 10.68 10.28 11.45
N TYR A 793 10.58 9.54 12.55
CA TYR A 793 9.30 9.08 13.07
C TYR A 793 8.42 10.19 13.62
N CYS A 794 9.06 11.29 14.04
CA CYS A 794 8.31 12.43 14.55
C CYS A 794 7.64 13.15 13.39
N VAL A 795 8.39 13.29 12.29
CA VAL A 795 7.93 13.96 11.08
C VAL A 795 6.88 13.12 10.37
N ALA A 796 7.22 11.85 10.17
CA ALA A 796 6.36 10.91 9.46
C ALA A 796 5.02 10.77 10.17
N THR A 797 5.06 10.62 11.50
CA THR A 797 3.82 10.39 12.23
C THR A 797 3.00 11.68 12.34
N PHE A 798 3.67 12.82 12.47
CA PHE A 798 2.94 14.09 12.51
C PHE A 798 2.15 14.28 11.24
N VAL A 799 2.83 14.11 10.09
CA VAL A 799 2.22 14.26 8.76
C VAL A 799 1.03 13.32 8.55
N LEU A 800 1.18 12.06 8.97
CA LEU A 800 0.14 11.05 8.84
C LEU A 800 -0.93 11.11 9.95
N GLY A 801 -0.68 11.92 10.97
CA GLY A 801 -1.61 12.08 12.07
C GLY A 801 -1.69 10.87 12.96
N ILE A 802 -0.59 10.14 13.08
CA ILE A 802 -0.51 8.98 13.98
C ILE A 802 0.65 9.21 14.97
N GLY A 803 0.78 10.46 15.41
CA GLY A 803 1.87 10.89 16.27
C GLY A 803 1.66 10.62 17.75
N ASP A 804 0.45 10.88 18.24
CA ASP A 804 0.12 10.70 19.66
C ASP A 804 0.00 9.22 19.99
N ARG A 805 1.11 8.61 20.39
CA ARG A 805 1.17 7.16 20.53
C ARG A 805 1.66 6.66 21.87
N HIS A 806 0.97 5.63 22.34
CA HIS A 806 1.23 4.88 23.57
C HIS A 806 2.69 4.43 23.65
N ASN A 807 3.26 4.45 24.85
CA ASN A 807 4.68 4.18 25.09
C ASN A 807 5.18 2.78 24.68
N ASP A 808 4.25 1.82 24.69
CA ASP A 808 4.52 0.42 24.40
C ASP A 808 4.44 0.09 22.92
N ASN A 809 3.96 1.05 22.14
CA ASN A 809 3.85 0.92 20.68
C ASN A 809 5.07 1.49 19.95
N ILE A 810 6.10 1.88 20.70
CA ILE A 810 7.36 2.37 20.13
C ILE A 810 8.51 1.48 20.57
N MET A 811 9.45 1.23 19.65
CA MET A 811 10.54 0.31 19.92
C MET A 811 11.92 0.89 19.61
N ILE A 812 12.95 0.30 20.21
CA ILE A 812 14.35 0.59 19.87
C ILE A 812 15.18 -0.70 19.73
N THR A 813 16.13 -0.67 18.80
CA THR A 813 17.10 -1.75 18.68
C THR A 813 18.24 -1.45 19.64
N GLU A 814 18.95 -2.48 20.07
CA GLU A 814 20.13 -2.34 20.92
C GLU A 814 21.15 -1.39 20.31
N THR A 815 21.03 -1.16 19.01
CA THR A 815 22.00 -0.39 18.25
C THR A 815 21.58 1.06 17.95
N GLY A 816 20.55 1.54 18.65
CA GLY A 816 20.13 2.94 18.53
C GLY A 816 18.91 3.24 17.67
N ASN A 817 18.49 2.29 16.84
CA ASN A 817 17.40 2.55 15.91
C ASN A 817 16.02 2.51 16.58
N LEU A 818 15.38 3.68 16.70
CA LEU A 818 14.00 3.78 17.16
C LEU A 818 13.06 3.31 16.05
N PHE A 819 11.81 2.97 16.39
CA PHE A 819 10.77 2.71 15.39
C PHE A 819 9.40 2.40 15.98
N HIS A 820 8.36 2.92 15.35
CA HIS A 820 6.98 2.71 15.79
C HIS A 820 6.47 1.36 15.29
N ILE A 821 5.52 0.78 16.02
CA ILE A 821 4.86 -0.45 15.59
C ILE A 821 3.34 -0.32 15.67
N ASP A 822 2.63 -1.39 15.32
CA ASP A 822 1.17 -1.49 15.44
C ASP A 822 0.39 -0.26 14.97
N PHE A 823 0.56 0.10 13.70
CA PHE A 823 -0.14 1.26 13.16
C PHE A 823 -1.61 1.00 12.94
N GLY A 824 -1.98 -0.27 12.82
CA GLY A 824 -3.37 -0.66 12.70
C GLY A 824 -4.16 -0.42 13.96
N HIS A 825 -3.48 -0.05 15.05
CA HIS A 825 -4.13 0.19 16.34
C HIS A 825 -5.17 1.32 16.26
N ILE A 826 -5.01 2.23 15.28
CA ILE A 826 -5.95 3.31 15.07
C ILE A 826 -6.53 3.26 13.66
N GLU A 839 -7.35 16.20 25.82
CA GLU A 839 -5.91 16.35 26.00
C GLU A 839 -5.10 15.54 24.97
N ARG A 840 -4.30 16.24 24.16
CA ARG A 840 -3.56 15.63 23.05
C ARG A 840 -2.13 16.16 22.90
N VAL A 841 -1.34 15.52 22.02
CA VAL A 841 0.03 15.95 21.70
C VAL A 841 0.44 15.56 20.26
N PRO A 842 0.93 16.54 19.46
CA PRO A 842 1.45 16.39 18.10
C PRO A 842 2.08 15.05 17.75
N PHE A 843 3.06 14.62 18.56
CA PHE A 843 3.72 13.31 18.42
C PHE A 843 4.43 12.90 19.71
N VAL A 844 5.34 11.94 19.63
CA VAL A 844 6.02 11.45 20.83
C VAL A 844 7.46 11.95 20.93
N LEU A 845 7.65 12.95 21.79
CA LEU A 845 8.98 13.46 22.12
C LEU A 845 9.06 13.67 23.62
N THR A 846 9.61 12.67 24.30
CA THR A 846 9.61 12.60 25.76
C THR A 846 10.99 12.86 26.35
N PRO A 847 11.06 13.24 27.64
CA PRO A 847 12.33 13.61 28.29
C PRO A 847 13.39 12.52 28.29
N ASP A 848 12.96 11.25 28.27
CA ASP A 848 13.91 10.13 28.22
C ASP A 848 14.59 10.05 26.86
N PHE A 849 13.86 10.41 25.81
CA PHE A 849 14.44 10.61 24.48
C PHE A 849 15.38 11.79 24.58
N LEU A 850 14.86 12.91 25.10
CA LEU A 850 15.62 14.15 25.19
C LEU A 850 16.87 14.05 26.06
N PHE A 851 16.89 13.11 27.01
CA PHE A 851 18.09 12.86 27.82
C PHE A 851 19.07 11.90 27.15
N VAL A 852 18.87 11.69 25.85
CA VAL A 852 19.89 11.10 25.00
C VAL A 852 20.42 12.25 24.14
N MET A 853 19.72 13.38 24.24
CA MET A 853 20.05 14.59 23.51
C MET A 853 20.43 15.72 24.50
N GLY A 854 21.12 15.35 25.57
CA GLY A 854 21.65 16.27 26.60
C GLY A 854 20.73 17.40 27.02
N THR A 855 19.52 17.04 27.44
CA THR A 855 18.49 18.04 27.78
C THR A 855 17.40 17.45 28.69
N SER A 856 16.70 18.34 29.40
CA SER A 856 15.50 18.01 30.16
C SER A 856 14.78 19.28 30.62
N GLY A 857 13.50 19.39 30.30
CA GLY A 857 12.69 20.55 30.67
C GLY A 857 13.00 21.79 29.84
N LYS A 858 14.15 22.40 30.13
CA LYS A 858 14.62 23.59 29.41
C LYS A 858 16.15 23.60 29.28
N LYS A 859 16.65 23.21 28.09
CA LYS A 859 18.09 23.29 27.74
C LYS A 859 18.30 23.02 26.25
N THR A 860 19.55 23.10 25.80
CA THR A 860 19.89 22.88 24.39
C THR A 860 21.31 22.32 24.22
N SER A 861 21.41 21.09 23.75
CA SER A 861 22.71 20.44 23.52
C SER A 861 23.12 20.51 22.05
N PRO A 862 24.37 20.11 21.72
CA PRO A 862 24.82 20.03 20.32
C PRO A 862 24.08 18.97 19.50
N HIS A 863 23.47 18.00 20.17
CA HIS A 863 22.70 16.95 19.50
C HIS A 863 21.24 17.34 19.26
N PHE A 864 20.66 18.07 20.21
CA PHE A 864 19.28 18.53 20.07
C PHE A 864 19.16 19.59 18.97
N GLN A 865 20.21 20.37 18.80
CA GLN A 865 20.28 21.34 17.70
C GLN A 865 20.29 20.58 16.38
N LYS A 866 21.05 19.48 16.36
CA LYS A 866 21.09 18.58 15.22
C LYS A 866 19.73 17.92 15.00
N PHE A 867 19.09 17.51 16.10
CA PHE A 867 17.74 16.94 16.04
C PHE A 867 16.78 17.87 15.29
N GLN A 868 16.72 19.13 15.72
CA GLN A 868 15.85 20.12 15.07
C GLN A 868 16.33 20.36 13.64
N ASP A 869 17.65 20.36 13.47
CA ASP A 869 18.27 20.55 12.15
C ASP A 869 18.00 19.40 11.18
N ILE A 870 17.54 18.26 11.68
CA ILE A 870 17.15 17.14 10.83
C ILE A 870 15.64 17.15 10.62
N CYS A 871 14.89 17.44 11.68
CA CYS A 871 13.43 17.51 11.63
C CYS A 871 12.90 18.56 10.67
N VAL A 872 13.28 19.82 10.91
CA VAL A 872 12.79 20.95 10.11
C VAL A 872 13.19 20.82 8.64
N LYS A 873 14.25 20.07 8.35
CA LYS A 873 14.68 19.81 6.99
C LYS A 873 13.93 18.61 6.38
N ALA A 874 13.54 17.67 7.24
CA ALA A 874 12.71 16.54 6.83
C ALA A 874 11.30 16.99 6.50
N TYR A 875 10.78 17.93 7.29
CA TYR A 875 9.43 18.45 7.14
C TYR A 875 9.23 19.26 5.86
N LEU A 876 10.08 20.26 5.63
CA LEU A 876 9.96 21.04 4.39
C LEU A 876 10.39 20.22 3.18
N ALA A 877 11.15 19.14 3.41
CA ALA A 877 11.47 18.16 2.38
C ALA A 877 10.25 17.41 1.88
N LEU A 878 9.35 17.06 2.81
CA LEU A 878 8.08 16.43 2.43
C LEU A 878 7.18 17.45 1.72
N ARG A 879 7.29 18.73 2.12
CA ARG A 879 6.47 19.78 1.55
C ARG A 879 6.85 20.03 0.09
N HIS A 880 8.08 19.66 -0.27
CA HIS A 880 8.47 19.64 -1.68
C HIS A 880 7.77 18.49 -2.44
N HIS A 881 6.99 17.69 -1.72
CA HIS A 881 6.20 16.62 -2.33
C HIS A 881 4.76 16.57 -1.83
N THR A 882 4.25 17.73 -1.39
CA THR A 882 2.89 17.89 -0.85
C THR A 882 1.82 17.16 -1.65
N ASN A 883 1.76 17.44 -2.95
CA ASN A 883 0.77 16.83 -3.83
C ASN A 883 0.73 15.31 -3.77
N LEU A 884 1.89 14.68 -3.89
CA LEU A 884 2.02 13.22 -3.81
C LEU A 884 1.50 12.61 -2.49
N LEU A 885 1.91 13.16 -1.36
CA LEU A 885 1.49 12.64 -0.05
C LEU A 885 -0.02 12.84 0.17
N ILE A 886 -0.53 14.01 -0.20
CA ILE A 886 -1.97 14.31 -0.15
C ILE A 886 -2.79 13.24 -0.86
N ILE A 887 -2.40 12.89 -2.09
CA ILE A 887 -3.08 11.87 -2.87
C ILE A 887 -2.95 10.48 -2.24
N LEU A 888 -1.72 10.14 -1.86
CA LEU A 888 -1.45 8.87 -1.21
C LEU A 888 -2.25 8.75 0.07
N PHE A 889 -2.41 9.85 0.77
CA PHE A 889 -3.16 9.89 2.01
C PHE A 889 -4.67 9.69 1.72
N SER A 890 -5.20 10.49 0.80
CA SER A 890 -6.57 10.34 0.34
C SER A 890 -6.88 8.89 0.05
N MET A 891 -6.11 8.33 -0.90
CA MET A 891 -6.30 6.97 -1.40
C MET A 891 -6.18 5.93 -0.29
N MET A 892 -5.30 6.18 0.67
CA MET A 892 -5.12 5.30 1.81
C MET A 892 -6.40 5.24 2.64
N LEU A 893 -6.96 6.40 2.95
CA LEU A 893 -8.18 6.48 3.72
C LEU A 893 -9.37 5.84 3.01
N MET A 894 -9.44 6.01 1.69
CA MET A 894 -10.58 5.54 0.92
C MET A 894 -10.62 4.03 0.72
N THR A 895 -9.44 3.43 0.55
CA THR A 895 -9.34 2.01 0.21
C THR A 895 -8.90 1.12 1.37
N GLY A 896 -8.46 1.74 2.47
CA GLY A 896 -7.88 0.99 3.58
C GLY A 896 -8.37 1.30 4.98
N MET A 897 -8.89 2.50 5.19
CA MET A 897 -9.49 2.90 6.49
C MET A 897 -11.02 3.01 6.38
N PRO A 898 -11.72 1.87 6.46
CA PRO A 898 -13.15 1.83 6.09
C PRO A 898 -14.11 2.37 7.17
N GLN A 899 -13.62 3.28 8.02
CA GLN A 899 -14.44 3.81 9.12
C GLN A 899 -15.10 5.18 8.82
N LEU A 900 -14.39 6.27 9.14
CA LEU A 900 -14.95 7.62 9.02
C LEU A 900 -14.76 8.17 7.60
N THR A 901 -13.53 8.57 7.30
CA THR A 901 -13.13 9.14 6.00
C THR A 901 -14.18 10.00 5.29
N SER A 902 -14.41 11.18 5.87
CA SER A 902 -15.16 12.24 5.25
C SER A 902 -14.14 13.22 4.68
N LYS A 903 -14.61 14.32 4.11
CA LYS A 903 -13.74 15.40 3.63
C LYS A 903 -12.80 15.85 4.75
N GLU A 904 -13.34 15.98 5.96
CA GLU A 904 -12.60 16.49 7.13
C GLU A 904 -11.46 15.57 7.58
N ASP A 905 -11.70 14.27 7.49
CA ASP A 905 -10.67 13.28 7.81
C ASP A 905 -9.48 13.48 6.89
N ILE A 906 -9.76 13.55 5.60
CA ILE A 906 -8.75 13.69 4.57
C ILE A 906 -8.03 15.05 4.66
N GLU A 907 -8.80 16.11 4.94
CA GLU A 907 -8.26 17.45 4.99
C GLU A 907 -7.51 17.76 6.29
N TYR A 908 -6.88 16.73 6.84
CA TYR A 908 -6.01 16.88 7.99
C TYR A 908 -4.57 17.13 7.53
N ILE A 909 -4.19 16.45 6.43
CA ILE A 909 -2.83 16.46 5.93
C ILE A 909 -2.47 17.81 5.29
N ARG A 910 -3.49 18.55 4.89
CA ARG A 910 -3.35 19.93 4.44
C ARG A 910 -2.85 20.81 5.59
N ASP A 911 -3.43 20.60 6.77
CA ASP A 911 -3.05 21.33 7.97
C ASP A 911 -1.65 20.92 8.40
N ALA A 912 -1.44 19.60 8.50
CA ALA A 912 -0.15 19.03 8.87
C ALA A 912 1.00 19.52 7.98
N LEU A 913 0.74 19.69 6.69
CA LEU A 913 1.76 20.12 5.73
C LEU A 913 1.73 21.61 5.44
N THR A 914 0.80 22.32 6.10
CA THR A 914 0.63 23.77 5.93
C THR A 914 0.76 24.23 4.48
N VAL A 915 -0.25 23.88 3.69
CA VAL A 915 -0.33 24.27 2.29
C VAL A 915 -0.47 25.78 2.20
N GLY A 916 0.08 26.36 1.14
CA GLY A 916 -0.01 27.80 0.92
C GLY A 916 1.01 28.59 1.73
N LYS A 917 1.28 28.13 2.95
CA LYS A 917 2.24 28.78 3.83
C LYS A 917 3.65 28.66 3.29
N ASN A 918 4.44 29.72 3.47
CA ASN A 918 5.83 29.77 3.01
C ASN A 918 6.75 28.91 3.88
N GLU A 919 7.96 28.67 3.39
CA GLU A 919 8.94 27.81 4.06
C GLU A 919 9.31 28.28 5.47
N GLU A 920 9.29 29.59 5.66
CA GLU A 920 9.73 30.19 6.91
C GLU A 920 8.67 30.01 8.00
N ASP A 921 7.42 30.30 7.64
CA ASP A 921 6.27 30.16 8.56
C ASP A 921 6.07 28.70 9.00
N ALA A 922 6.16 27.77 8.05
CA ALA A 922 5.99 26.34 8.31
C ALA A 922 7.07 25.77 9.24
N LYS A 923 8.29 26.28 9.12
CA LYS A 923 9.40 25.93 10.03
C LYS A 923 9.02 26.22 11.47
N LYS A 924 8.44 27.40 11.69
CA LYS A 924 8.00 27.84 13.01
C LYS A 924 6.79 27.05 13.48
N TYR A 925 5.99 26.57 12.52
CA TYR A 925 4.87 25.70 12.82
C TYR A 925 5.37 24.38 13.40
N PHE A 926 6.34 23.76 12.73
CA PHE A 926 6.88 22.48 13.17
C PHE A 926 7.65 22.60 14.49
N LEU A 927 8.41 23.69 14.63
CA LEU A 927 9.19 23.92 15.84
C LEU A 927 8.30 24.19 17.05
N ASP A 928 7.14 24.79 16.82
CA ASP A 928 6.12 24.91 17.86
C ASP A 928 5.58 23.56 18.32
N GLN A 929 5.40 22.64 17.36
CA GLN A 929 4.96 21.27 17.68
C GLN A 929 5.93 20.61 18.66
N ILE A 930 7.23 20.70 18.36
CA ILE A 930 8.27 20.26 19.27
C ILE A 930 8.04 20.89 20.64
N GLU A 931 7.90 22.22 20.66
CA GLU A 931 7.70 23.00 21.88
C GLU A 931 6.29 22.85 22.48
N VAL A 932 5.57 21.82 22.06
CA VAL A 932 4.36 21.37 22.75
C VAL A 932 4.73 20.08 23.47
N CYS A 933 5.47 19.22 22.77
CA CYS A 933 5.97 17.97 23.33
C CYS A 933 6.94 18.20 24.49
N ARG A 934 7.73 19.26 24.38
CA ARG A 934 8.61 19.69 25.46
C ARG A 934 7.78 20.15 26.64
N ASP A 935 6.80 21.00 26.35
CA ASP A 935 5.95 21.61 27.38
C ASP A 935 4.95 20.63 28.01
N LYS A 936 4.86 19.42 27.45
CA LYS A 936 3.92 18.40 27.92
C LYS A 936 4.61 17.30 28.75
N GLY A 937 5.92 17.17 28.58
CA GLY A 937 6.73 16.22 29.35
C GLY A 937 6.31 14.76 29.38
N TRP A 938 5.49 14.41 30.37
CA TRP A 938 5.06 13.04 30.60
C TRP A 938 3.54 12.95 30.74
N THR A 939 2.88 14.11 30.70
CA THR A 939 1.43 14.21 30.87
C THR A 939 0.65 13.20 30.02
N VAL A 940 0.98 13.13 28.73
CA VAL A 940 0.24 12.31 27.78
C VAL A 940 0.55 10.81 27.91
N GLN A 941 1.83 10.47 28.06
CA GLN A 941 2.24 9.08 28.31
C GLN A 941 1.55 8.55 29.57
N PHE A 942 1.57 9.39 30.61
CA PHE A 942 0.91 9.10 31.88
C PHE A 942 -0.59 8.90 31.71
N ASN A 943 -1.22 9.78 30.92
CA ASN A 943 -2.65 9.68 30.67
C ASN A 943 -3.07 8.40 29.94
N TRP A 944 -2.16 7.87 29.11
CA TRP A 944 -2.35 6.57 28.47
C TRP A 944 -2.33 5.44 29.50
N PHE A 945 -1.56 5.61 30.58
CA PHE A 945 -1.43 4.60 31.62
C PHE A 945 -2.72 4.42 32.41
N LEU A 946 -3.35 5.54 32.77
CA LEU A 946 -4.65 5.54 33.45
C LEU A 946 -5.77 5.06 32.52
N HIS A 947 -5.45 5.02 31.22
CA HIS A 947 -6.39 4.69 30.16
C HIS A 947 -6.28 3.21 29.78
N LEU A 948 -5.12 2.84 29.25
CA LEU A 948 -4.89 1.48 28.76
C LEU A 948 -4.71 0.46 29.89
N VAL A 949 -3.79 0.76 30.82
CA VAL A 949 -3.45 -0.17 31.90
C VAL A 949 -4.50 -0.15 33.03
N LEU A 950 -5.17 0.99 33.20
CA LEU A 950 -6.09 1.17 34.33
C LEU A 950 -7.35 1.94 33.92
S SO4 B . -17.14 25.88 -25.39
O1 SO4 B . -18.28 26.65 -25.89
O2 SO4 B . -17.65 24.72 -24.65
O3 SO4 B . -16.32 25.44 -26.52
O4 SO4 B . -16.34 26.73 -24.50
S SO4 C . 7.46 -3.60 -1.30
O1 SO4 C . 6.08 -3.26 -1.68
O2 SO4 C . 7.47 -4.90 -0.65
O3 SO4 C . 8.31 -3.67 -2.49
O4 SO4 C . 7.97 -2.58 -0.39
S SO4 D . 25.94 8.63 -8.63
O1 SO4 D . 25.29 9.62 -9.50
O2 SO4 D . 25.15 7.40 -8.60
O3 SO4 D . 27.27 8.31 -9.14
O4 SO4 D . 26.05 9.19 -7.29
C4 QK0 E . 8.74 -6.39 15.96
C5 QK0 E . 7.84 -6.59 17.01
C6 QK0 E . 6.48 -6.30 16.89
C8 QK0 E . 10.24 -7.18 17.46
C13 QK0 E . 13.25 -8.47 19.25
C15 QK0 E . 3.65 -6.26 16.17
C17 QK0 E . 1.95 -5.00 15.03
C26 QK0 E . 1.40 -5.37 19.51
C28 QK0 E . 3.00 -4.92 21.26
C12 QK0 E . 11.76 -8.13 19.07
O14 QK0 E . 10.96 -8.40 19.98
N10 QK0 E . 11.46 -7.56 17.90
N7 QK0 E . 10.02 -6.72 16.23
S9 QK0 E . 8.76 -7.20 18.29
C3 QK0 E . 8.22 -5.88 14.76
C2 QK0 E . 6.87 -5.59 14.64
C1 QK0 E . 5.99 -5.79 15.70
C11 QK0 E . 4.62 -5.52 15.51
C19 QK0 E . 4.20 -4.55 14.60
N18 QK0 E . 2.91 -4.30 14.39
CL20 QK0 E . 0.29 -4.63 14.71
C16 QK0 E . 2.29 -5.99 15.96
N21 QK0 E . 1.31 -6.68 16.58
S22 QK0 E . 1.48 -7.58 17.94
O23 QK0 E . 2.45 -8.71 17.72
O24 QK0 E . 0.14 -8.10 18.33
C25 QK0 E . 2.08 -6.56 19.22
C27 QK0 E . 1.87 -4.54 20.54
F31 QK0 E . 3.44 -4.11 22.25
C29 QK0 E . 3.68 -6.10 20.97
C30 QK0 E . 3.21 -6.93 19.95
#